data_3ETC
#
_entry.id   3ETC
#
_cell.length_a   91.699
_cell.length_b   96.371
_cell.length_c   141.543
_cell.angle_alpha   90.00
_cell.angle_beta   90.00
_cell.angle_gamma   90.00
#
_symmetry.space_group_name_H-M   'P 21 21 21'
#
loop_
_entity.id
_entity.type
_entity.pdbx_description
1 polymer 'AMP-binding protein'
2 non-polymer 'FORMYL GROUP'
3 non-polymer 'TRIETHYLENE GLYCOL'
4 non-polymer 'PENTAETHYLENE GLYCOL'
5 non-polymer '4-(2-HYDROXYETHYL)-1-PIPERAZINE ETHANESULFONIC ACID'
6 non-polymer 'MAGNESIUM ION'
7 non-polymer 'NITRATE ION'
8 non-polymer GLYCEROL
9 water water
#
_entity_poly.entity_id   1
_entity_poly.type   'polypeptide(L)'
_entity_poly.pdbx_seq_one_letter_code
;MGHHHHHHHHHHSSGHIDDDDKHMTSLLSQFVSKTDFESYEDFQENFKILVPENFNFAYDVVDVYARDSPEKLAMIWCDD
YGNEKIFTFKDLKYYSDKAANFFVKHGIGKGDYVMLTLKSRYDFWYCMLGLHKLGAIAVPATHMLKTRDIVYRIEKAGLK
MIVCIAEDDVPEQVDEAHAECGDIPLKKAKVGGDVLEGWIDFRKELEESSPIFERPTGEVSTKNEDICLVYFSSGTAGFP
KMVEHDNTYPLGHILTAKYWQNVEDDGLHYTVADSGWGKCVWGKLYGQWIAGCAVFVYDYDRFEAKNMLEKASKYGVTTF
CAPPTIYRFLIKEDLSHYNFSTLKYAVVAGEPLNPEVFNRFLEFTGIKLMEGFGQTETVVTIATFPWMEPKPGSIGKPTP
GYKIELMDRDGRLCEVGEEGEIVINTMEGKPVGLFVHYGKDPERTEETWHDGYYHTGDMAWMDEDGYLWFVGRADDIIKT
SGYKVGPFEVESALIQHPAVLECAITGVPDPVRGQVIKATIVLTKDYTPSDSLKNELQDHVKNVTAPYKYPRIIEFVPEL
PKTISGKIRRVEIRDKDQSQ
;
_entity_poly.pdbx_strand_id   A,B
#
loop_
_chem_comp.id
_chem_comp.type
_chem_comp.name
_chem_comp.formula
1PE non-polymer 'PENTAETHYLENE GLYCOL' 'C10 H22 O6'
EPE non-polymer '4-(2-HYDROXYETHYL)-1-PIPERAZINE ETHANESULFONIC ACID' 'C8 H18 N2 O4 S'
FOR non-polymer 'FORMYL GROUP' 'C H2 O'
GOL non-polymer GLYCEROL 'C3 H8 O3'
MG non-polymer 'MAGNESIUM ION' 'Mg 2'
NO3 non-polymer 'NITRATE ION' 'N O3 -1'
PGE non-polymer 'TRIETHYLENE GLYCOL' 'C6 H14 O4'
#
# COMPACT_ATOMS: atom_id res chain seq x y z
N SER A 26 34.68 -16.62 -10.43
CA SER A 26 33.21 -16.34 -10.34
C SER A 26 32.48 -17.31 -9.41
N LEU A 27 31.32 -16.88 -8.91
CA LEU A 27 30.52 -17.66 -7.96
C LEU A 27 29.36 -18.42 -8.62
N LEU A 28 29.33 -18.40 -9.96
CA LEU A 28 28.26 -19.00 -10.77
C LEU A 28 27.91 -20.46 -10.40
N SER A 29 28.93 -21.30 -10.32
CA SER A 29 28.77 -22.73 -10.03
C SER A 29 28.13 -23.04 -8.68
N GLN A 30 28.30 -22.13 -7.73
CA GLN A 30 27.66 -22.21 -6.43
C GLN A 30 26.13 -22.29 -6.56
N PHE A 31 25.58 -21.65 -7.61
CA PHE A 31 24.15 -21.36 -7.70
C PHE A 31 23.33 -22.12 -8.76
N VAL A 32 23.98 -23.03 -9.48
CA VAL A 32 23.32 -23.74 -10.59
C VAL A 32 23.63 -25.24 -10.53
N SER A 33 22.72 -26.06 -11.08
CA SER A 33 22.95 -27.51 -11.12
C SER A 33 24.16 -27.85 -11.98
N LYS A 34 24.30 -27.15 -13.11
CA LYS A 34 25.44 -27.30 -14.02
C LYS A 34 25.53 -26.06 -14.89
N THR A 35 26.72 -25.80 -15.44
CA THR A 35 26.98 -24.58 -16.21
C THR A 35 26.99 -24.80 -17.71
N ASP A 36 27.42 -25.98 -18.15
CA ASP A 36 27.64 -26.21 -19.59
C ASP A 36 26.54 -27.01 -20.26
N PHE A 37 26.11 -26.52 -21.42
CA PHE A 37 25.04 -27.16 -22.20
C PHE A 37 25.44 -27.20 -23.66
N GLU A 38 24.87 -28.16 -24.41
CA GLU A 38 25.27 -28.34 -25.81
C GLU A 38 24.25 -27.83 -26.82
N SER A 39 23.06 -27.47 -26.35
CA SER A 39 21.99 -27.00 -27.22
C SER A 39 20.96 -26.26 -26.39
N TYR A 40 20.05 -25.56 -27.07
CA TYR A 40 18.94 -24.91 -26.39
C TYR A 40 18.07 -25.93 -25.66
N GLU A 41 17.80 -27.05 -26.32
CA GLU A 41 16.96 -28.11 -25.77
C GLU A 41 17.51 -28.65 -24.44
N ASP A 42 18.82 -28.89 -24.42
CA ASP A 42 19.54 -29.39 -23.25
C ASP A 42 19.48 -28.35 -22.11
N PHE A 43 19.76 -27.11 -22.44
CA PHE A 43 19.68 -25.97 -21.55
C PHE A 43 18.26 -25.84 -20.95
N GLN A 44 17.25 -25.86 -21.81
CA GLN A 44 15.86 -25.71 -21.39
C GLN A 44 15.42 -26.86 -20.47
N GLU A 45 15.91 -28.05 -20.76
CA GLU A 45 15.56 -29.26 -20.01
C GLU A 45 16.25 -29.35 -18.65
N ASN A 46 17.51 -28.94 -18.58
CA ASN A 46 18.40 -29.27 -17.47
C ASN A 46 18.95 -28.14 -16.60
N PHE A 47 18.85 -26.90 -17.07
CA PHE A 47 19.28 -25.76 -16.25
C PHE A 47 18.35 -25.56 -15.05
N LYS A 48 18.95 -25.36 -13.89
CA LYS A 48 18.22 -25.14 -12.66
C LYS A 48 19.06 -24.27 -11.74
N ILE A 49 18.44 -23.24 -11.17
CA ILE A 49 19.07 -22.44 -10.13
C ILE A 49 18.90 -23.14 -8.77
N LEU A 50 20.00 -23.17 -8.01
CA LEU A 50 20.01 -23.72 -6.65
C LEU A 50 19.98 -22.58 -5.64
N VAL A 51 18.81 -22.36 -5.04
CA VAL A 51 18.63 -21.22 -4.16
C VAL A 51 19.10 -21.58 -2.76
N PRO A 52 20.09 -20.83 -2.23
CA PRO A 52 20.57 -21.09 -0.87
C PRO A 52 19.44 -20.91 0.13
N GLU A 53 19.61 -21.53 1.30
CA GLU A 53 18.68 -21.40 2.43
CA GLU A 53 18.64 -21.40 2.39
C GLU A 53 18.44 -19.93 2.73
N ASN A 54 19.52 -19.16 2.76
CA ASN A 54 19.46 -17.73 3.02
C ASN A 54 20.43 -17.03 2.09
N PHE A 55 19.91 -16.19 1.20
CA PHE A 55 20.71 -15.47 0.21
C PHE A 55 20.49 -13.97 0.29
N ASN A 56 21.59 -13.22 0.36
CA ASN A 56 21.57 -11.76 0.25
C ASN A 56 22.70 -11.38 -0.70
N PHE A 57 22.35 -10.76 -1.83
CA PHE A 57 23.32 -10.48 -2.88
C PHE A 57 24.56 -9.73 -2.39
N ALA A 58 24.34 -8.70 -1.56
CA ALA A 58 25.44 -7.86 -1.11
C ALA A 58 26.43 -8.66 -0.27
N TYR A 59 25.92 -9.49 0.64
CA TYR A 59 26.77 -10.31 1.51
C TYR A 59 27.35 -11.53 0.80
N ASP A 60 26.53 -12.21 0.00
CA ASP A 60 26.89 -13.53 -0.55
C ASP A 60 27.53 -13.46 -1.93
N VAL A 61 27.58 -12.27 -2.51
CA VAL A 61 28.29 -12.08 -3.76
C VAL A 61 29.38 -11.01 -3.62
N VAL A 62 28.99 -9.77 -3.33
CA VAL A 62 29.93 -8.67 -3.31
C VAL A 62 30.94 -8.85 -2.17
N ASP A 63 30.45 -9.08 -0.95
CA ASP A 63 31.34 -9.21 0.20
C ASP A 63 32.20 -10.46 0.11
N VAL A 64 31.68 -11.50 -0.56
CA VAL A 64 32.46 -12.72 -0.82
C VAL A 64 33.70 -12.41 -1.69
N TYR A 65 33.48 -11.81 -2.86
CA TYR A 65 34.60 -11.40 -3.72
C TYR A 65 35.52 -10.44 -3.01
N ALA A 66 34.93 -9.53 -2.23
CA ALA A 66 35.72 -8.56 -1.46
C ALA A 66 36.72 -9.23 -0.53
N ARG A 67 36.36 -10.38 0.03
CA ARG A 67 37.24 -11.12 0.93
C ARG A 67 38.16 -12.10 0.20
N ASP A 68 37.57 -12.94 -0.66
CA ASP A 68 38.34 -13.98 -1.34
CA ASP A 68 38.28 -14.00 -1.39
C ASP A 68 39.18 -13.46 -2.51
N SER A 69 38.70 -12.41 -3.18
CA SER A 69 39.38 -11.86 -4.36
C SER A 69 39.35 -10.33 -4.36
N PRO A 70 40.05 -9.70 -3.39
CA PRO A 70 39.82 -8.27 -3.16
C PRO A 70 40.10 -7.40 -4.38
N GLU A 71 41.07 -7.80 -5.20
CA GLU A 71 41.52 -6.98 -6.33
C GLU A 71 40.76 -7.23 -7.63
N LYS A 72 39.81 -8.17 -7.59
CA LYS A 72 38.96 -8.45 -8.74
C LYS A 72 38.12 -7.22 -9.12
N LEU A 73 38.18 -6.88 -10.41
CA LEU A 73 37.47 -5.73 -10.97
C LEU A 73 35.96 -5.93 -10.96
N ALA A 74 35.24 -4.96 -10.41
CA ALA A 74 33.78 -5.00 -10.40
C ALA A 74 33.17 -4.01 -11.41
N MET A 75 33.76 -2.83 -11.50
CA MET A 75 33.20 -1.74 -12.29
C MET A 75 34.24 -0.75 -12.76
N ILE A 76 34.16 -0.41 -14.04
CA ILE A 76 34.85 0.74 -14.58
C ILE A 76 33.77 1.80 -14.77
N TRP A 77 33.95 2.94 -14.12
CA TRP A 77 33.05 4.07 -14.21
C TRP A 77 33.81 5.25 -14.83
N CYS A 78 33.13 5.99 -15.71
CA CYS A 78 33.68 7.23 -16.25
C CYS A 78 32.62 8.27 -16.60
N ASP A 79 33.12 9.46 -16.93
CA ASP A 79 32.38 10.68 -17.26
C ASP A 79 32.59 11.16 -18.69
N ASP A 80 31.72 12.09 -19.12
CA ASP A 80 31.98 12.91 -20.30
C ASP A 80 32.85 14.13 -19.96
N TYR A 81 33.26 14.22 -18.72
CA TYR A 81 33.95 15.39 -18.19
C TYR A 81 35.33 15.04 -17.65
N GLY A 82 35.82 13.85 -18.02
CA GLY A 82 37.22 13.46 -17.76
C GLY A 82 37.43 12.56 -16.56
N ASN A 83 36.37 12.32 -15.79
CA ASN A 83 36.49 11.55 -14.55
C ASN A 83 36.44 10.05 -14.80
N GLU A 84 37.25 9.32 -14.04
CA GLU A 84 37.34 7.87 -14.13
C GLU A 84 37.48 7.30 -12.73
N LYS A 85 36.72 6.23 -12.45
CA LYS A 85 36.85 5.49 -11.20
C LYS A 85 36.83 4.00 -11.45
N ILE A 86 37.89 3.32 -11.02
CA ILE A 86 38.01 1.87 -11.15
C ILE A 86 37.70 1.24 -9.81
N PHE A 87 36.64 0.43 -9.78
CA PHE A 87 36.19 -0.21 -8.55
C PHE A 87 36.50 -1.71 -8.55
N THR A 88 37.20 -2.15 -7.51
CA THR A 88 37.30 -3.58 -7.21
C THR A 88 36.16 -3.97 -6.26
N PHE A 89 35.99 -5.27 -6.03
CA PHE A 89 34.97 -5.71 -5.07
C PHE A 89 35.26 -5.25 -3.64
N LYS A 90 36.55 -5.17 -3.28
CA LYS A 90 36.98 -4.63 -1.98
C LYS A 90 36.48 -3.20 -1.80
N ASP A 91 36.73 -2.35 -2.80
CA ASP A 91 36.20 -0.99 -2.82
C ASP A 91 34.68 -0.99 -2.57
N LEU A 92 33.97 -1.87 -3.27
CA LEU A 92 32.52 -1.92 -3.16
C LEU A 92 32.03 -2.37 -1.79
N LYS A 93 32.69 -3.37 -1.19
CA LYS A 93 32.37 -3.75 0.19
C LYS A 93 32.56 -2.55 1.11
N TYR A 94 33.71 -1.90 0.99
CA TYR A 94 34.08 -0.75 1.80
C TYR A 94 33.02 0.35 1.72
N TYR A 95 32.72 0.81 0.51
CA TYR A 95 31.74 1.89 0.36
C TYR A 95 30.30 1.50 0.67
N SER A 96 29.92 0.24 0.40
CA SER A 96 28.58 -0.22 0.74
C SER A 96 28.39 -0.40 2.26
N ASP A 97 29.46 -0.77 2.97
CA ASP A 97 29.46 -0.80 4.43
C ASP A 97 29.31 0.62 4.98
N LYS A 98 30.06 1.56 4.40
CA LYS A 98 29.92 2.96 4.75
C LYS A 98 28.52 3.48 4.42
N ALA A 99 27.96 3.04 3.29
CA ALA A 99 26.61 3.47 2.90
C ALA A 99 25.56 2.92 3.87
N ALA A 100 25.72 1.66 4.25
CA ALA A 100 24.82 1.04 5.22
C ALA A 100 24.78 1.87 6.50
N ASN A 101 25.96 2.20 7.03
CA ASN A 101 26.05 3.06 8.21
C ASN A 101 25.49 4.46 8.00
N PHE A 102 25.66 5.02 6.81
CA PHE A 102 25.06 6.30 6.51
C PHE A 102 23.54 6.22 6.63
N PHE A 103 22.95 5.17 6.05
CA PHE A 103 21.51 4.96 6.12
C PHE A 103 21.00 4.77 7.55
N VAL A 104 21.73 3.98 8.34
CA VAL A 104 21.41 3.76 9.75
C VAL A 104 21.39 5.07 10.54
N LYS A 105 22.41 5.91 10.35
CA LYS A 105 22.51 7.22 11.00
C LYS A 105 21.23 8.04 10.82
N HIS A 106 20.63 7.94 9.63
CA HIS A 106 19.41 8.67 9.31
C HIS A 106 18.11 7.87 9.49
N GLY A 107 18.19 6.81 10.29
CA GLY A 107 17.00 6.07 10.72
C GLY A 107 16.44 5.05 9.73
N ILE A 108 17.20 4.73 8.69
CA ILE A 108 16.77 3.77 7.68
C ILE A 108 17.13 2.37 8.16
N GLY A 109 16.15 1.47 8.14
CA GLY A 109 16.35 0.09 8.55
C GLY A 109 15.57 -0.87 7.68
N LYS A 110 15.43 -2.11 8.16
CA LYS A 110 14.80 -3.16 7.38
C LYS A 110 13.37 -2.80 6.98
N GLY A 111 13.07 -2.93 5.69
CA GLY A 111 11.72 -2.69 5.19
C GLY A 111 11.39 -1.25 4.83
N ASP A 112 12.32 -0.33 5.09
CA ASP A 112 12.13 1.09 4.72
C ASP A 112 12.38 1.28 3.23
N TYR A 113 11.45 1.96 2.56
CA TYR A 113 11.60 2.28 1.14
C TYR A 113 12.44 3.55 1.00
N VAL A 114 13.44 3.47 0.12
CA VAL A 114 14.36 4.57 -0.16
C VAL A 114 14.46 4.70 -1.68
N MET A 115 14.05 5.86 -2.20
CA MET A 115 14.10 6.14 -3.63
C MET A 115 15.45 6.66 -4.04
N LEU A 116 15.99 6.08 -5.12
CA LEU A 116 17.29 6.44 -5.66
C LEU A 116 17.12 7.05 -7.04
N THR A 117 17.45 8.33 -7.16
CA THR A 117 17.33 8.98 -8.44
C THR A 117 18.72 9.47 -8.84
N LEU A 118 19.53 8.56 -9.35
CA LEU A 118 20.97 8.80 -9.42
C LEU A 118 21.62 8.69 -10.79
N LYS A 119 20.81 8.67 -11.85
CA LYS A 119 21.32 8.60 -13.22
C LYS A 119 22.35 7.45 -13.29
N SER A 120 23.57 7.72 -13.76
CA SER A 120 24.62 6.68 -13.68
C SER A 120 25.80 7.06 -12.77
N ARG A 121 25.52 7.85 -11.74
CA ARG A 121 26.53 8.15 -10.72
C ARG A 121 26.93 6.84 -10.07
N TYR A 122 28.23 6.63 -9.81
CA TYR A 122 28.67 5.39 -9.14
C TYR A 122 28.01 5.23 -7.77
N ASP A 123 27.48 6.33 -7.21
CA ASP A 123 26.78 6.33 -5.93
C ASP A 123 25.54 5.42 -5.91
N PHE A 124 24.90 5.26 -7.07
CA PHE A 124 23.80 4.30 -7.20
C PHE A 124 24.21 2.93 -6.68
N TRP A 125 25.40 2.48 -7.09
CA TRP A 125 25.89 1.15 -6.72
C TRP A 125 26.14 1.01 -5.20
N TYR A 126 26.80 2.00 -4.61
CA TYR A 126 26.97 2.11 -3.13
C TYR A 126 25.67 1.97 -2.38
N CYS A 127 24.69 2.76 -2.81
CA CYS A 127 23.39 2.85 -2.18
C CYS A 127 22.61 1.54 -2.30
N MET A 128 22.51 1.01 -3.52
CA MET A 128 21.85 -0.28 -3.75
C MET A 128 22.38 -1.34 -2.78
N LEU A 129 23.69 -1.50 -2.74
CA LEU A 129 24.34 -2.52 -1.92
C LEU A 129 24.17 -2.22 -0.42
N GLY A 130 24.29 -0.95 -0.04
CA GLY A 130 24.09 -0.55 1.34
C GLY A 130 22.69 -0.87 1.82
N LEU A 131 21.69 -0.56 0.99
CA LEU A 131 20.29 -0.88 1.30
C LEU A 131 20.04 -2.39 1.40
N HIS A 132 20.65 -3.16 0.50
CA HIS A 132 20.55 -4.63 0.58
C HIS A 132 21.08 -5.17 1.90
N LYS A 133 22.18 -4.58 2.38
CA LYS A 133 22.82 -5.01 3.62
C LYS A 133 21.92 -4.76 4.83
N LEU A 134 21.15 -3.68 4.78
CA LEU A 134 20.21 -3.35 5.83
C LEU A 134 18.89 -4.10 5.73
N GLY A 135 18.61 -4.69 4.57
CA GLY A 135 17.26 -5.22 4.30
C GLY A 135 16.25 -4.11 4.07
N ALA A 136 16.76 -2.91 3.76
CA ALA A 136 15.90 -1.81 3.33
C ALA A 136 15.49 -2.05 1.89
N ILE A 137 14.55 -1.26 1.40
CA ILE A 137 14.02 -1.45 0.06
C ILE A 137 14.43 -0.31 -0.89
N ALA A 138 15.18 -0.67 -1.92
CA ALA A 138 15.64 0.28 -2.92
C ALA A 138 14.58 0.48 -3.98
N VAL A 139 14.29 1.74 -4.30
CA VAL A 139 13.34 2.10 -5.35
C VAL A 139 14.04 3.02 -6.36
N PRO A 140 14.69 2.42 -7.37
CA PRO A 140 15.32 3.29 -8.37
C PRO A 140 14.26 4.05 -9.16
N ALA A 141 14.58 5.28 -9.55
CA ALA A 141 13.65 6.13 -10.27
C ALA A 141 14.38 7.04 -11.26
N THR A 142 13.68 7.37 -12.35
CA THR A 142 14.27 8.22 -13.38
C THR A 142 14.42 9.67 -12.89
N HIS A 143 15.50 10.32 -13.33
CA HIS A 143 15.73 11.73 -13.01
C HIS A 143 14.65 12.62 -13.65
N MET A 144 13.89 12.03 -14.57
CA MET A 144 12.86 12.75 -15.32
C MET A 144 11.55 12.98 -14.57
N LEU A 145 11.39 12.39 -13.39
CA LEU A 145 10.14 12.56 -12.63
C LEU A 145 9.86 14.02 -12.32
N LYS A 146 8.59 14.41 -12.46
CA LYS A 146 8.13 15.75 -12.07
C LYS A 146 7.44 15.68 -10.71
N THR A 147 7.15 16.84 -10.12
CA THR A 147 6.59 16.93 -8.77
C THR A 147 5.45 15.93 -8.48
N ARG A 148 4.42 15.91 -9.33
CA ARG A 148 3.28 15.04 -9.06
C ARG A 148 3.66 13.55 -9.11
N ASP A 149 4.60 13.18 -9.97
CA ASP A 149 5.12 11.82 -10.04
C ASP A 149 5.78 11.42 -8.71
N ILE A 150 6.54 12.35 -8.14
CA ILE A 150 7.26 12.12 -6.90
C ILE A 150 6.30 12.04 -5.71
N VAL A 151 5.30 12.94 -5.64
CA VAL A 151 4.26 12.90 -4.61
C VAL A 151 3.59 11.51 -4.58
N TYR A 152 3.20 11.04 -5.75
CA TYR A 152 2.55 9.74 -5.90
C TYR A 152 3.43 8.63 -5.34
N ARG A 153 4.71 8.65 -5.68
CA ARG A 153 5.65 7.63 -5.22
C ARG A 153 5.87 7.71 -3.71
N ILE A 154 6.03 8.92 -3.18
CA ILE A 154 6.14 9.11 -1.73
C ILE A 154 4.96 8.45 -0.99
N GLU A 155 3.75 8.68 -1.51
CA GLU A 155 2.51 8.23 -0.87
C GLU A 155 2.19 6.74 -1.09
N LYS A 156 2.58 6.22 -2.25
CA LYS A 156 2.36 4.82 -2.57
C LYS A 156 3.37 3.94 -1.85
N ALA A 157 4.63 4.37 -1.85
CA ALA A 157 5.70 3.58 -1.25
C ALA A 157 5.87 3.80 0.27
N GLY A 158 5.39 4.92 0.78
CA GLY A 158 5.73 5.35 2.14
C GLY A 158 7.24 5.61 2.23
N LEU A 159 7.77 6.32 1.22
CA LEU A 159 9.19 6.64 1.13
C LEU A 159 9.72 7.33 2.38
N LYS A 160 10.79 6.79 2.96
CA LYS A 160 11.40 7.40 4.14
C LYS A 160 12.59 8.28 3.77
N MET A 161 13.13 8.06 2.58
CA MET A 161 14.28 8.83 2.09
C MET A 161 14.32 8.88 0.57
N ILE A 162 14.81 10.00 0.04
CA ILE A 162 15.18 10.11 -1.37
C ILE A 162 16.66 10.50 -1.47
N VAL A 163 17.42 9.72 -2.24
CA VAL A 163 18.81 10.07 -2.56
C VAL A 163 18.87 10.38 -4.05
N CYS A 164 19.30 11.59 -4.38
CA CYS A 164 19.19 12.05 -5.76
C CYS A 164 20.37 12.90 -6.20
N ILE A 165 20.54 13.03 -7.52
CA ILE A 165 21.53 13.94 -8.10
C ILE A 165 21.18 15.39 -7.77
N ALA A 166 22.18 16.24 -7.65
CA ALA A 166 21.97 17.66 -7.39
C ALA A 166 21.52 18.40 -8.65
N GLU A 167 21.82 17.82 -9.81
CA GLU A 167 21.59 18.49 -11.08
C GLU A 167 20.18 18.22 -11.62
N ASP A 168 19.90 18.72 -12.82
CA ASP A 168 18.67 18.43 -13.58
C ASP A 168 17.39 18.85 -12.84
N ASP A 169 17.51 19.85 -11.98
CA ASP A 169 16.41 20.34 -11.12
C ASP A 169 15.69 19.26 -10.30
N VAL A 170 16.41 18.17 -9.99
CA VAL A 170 15.82 17.08 -9.22
C VAL A 170 15.52 17.50 -7.76
N PRO A 171 16.52 18.08 -7.05
CA PRO A 171 16.21 18.49 -5.67
C PRO A 171 15.06 19.48 -5.59
N GLU A 172 14.93 20.35 -6.59
CA GLU A 172 13.80 21.29 -6.68
C GLU A 172 12.45 20.56 -6.84
N GLN A 173 12.40 19.54 -7.69
CA GLN A 173 11.17 18.75 -7.86
C GLN A 173 10.80 18.00 -6.57
N VAL A 174 11.80 17.42 -5.91
CA VAL A 174 11.64 16.76 -4.60
C VAL A 174 11.11 17.72 -3.51
N ASP A 175 11.69 18.92 -3.45
CA ASP A 175 11.24 19.94 -2.50
C ASP A 175 9.78 20.35 -2.73
N GLU A 176 9.43 20.59 -3.99
CA GLU A 176 8.03 20.86 -4.36
C GLU A 176 7.13 19.71 -3.90
N ALA A 177 7.53 18.48 -4.19
CA ALA A 177 6.78 17.28 -3.80
C ALA A 177 6.58 17.17 -2.29
N HIS A 178 7.66 17.40 -1.55
CA HIS A 178 7.65 17.37 -0.09
C HIS A 178 6.66 18.41 0.46
N ALA A 179 6.73 19.63 -0.07
CA ALA A 179 5.82 20.71 0.29
C ALA A 179 4.37 20.33 0.04
N GLU A 180 4.14 19.59 -1.06
CA GLU A 180 2.81 19.11 -1.41
C GLU A 180 2.32 18.08 -0.39
N CYS A 181 3.23 17.27 0.14
CA CYS A 181 2.87 16.21 1.09
C CYS A 181 2.62 16.68 2.53
N GLY A 182 3.15 17.84 2.88
CA GLY A 182 3.03 18.37 4.24
C GLY A 182 4.25 18.08 5.08
N ASP A 183 4.09 18.24 6.40
CA ASP A 183 5.20 18.05 7.33
C ASP A 183 5.41 16.57 7.61
N ILE A 184 5.76 15.83 6.55
CA ILE A 184 6.10 14.43 6.69
C ILE A 184 7.59 14.33 7.03
N PRO A 185 8.00 13.23 7.68
CA PRO A 185 9.43 13.06 7.97
C PRO A 185 10.14 12.38 6.81
N LEU A 186 10.45 13.14 5.77
CA LEU A 186 11.13 12.60 4.60
C LEU A 186 12.58 13.09 4.62
N LYS A 187 13.51 12.14 4.64
CA LYS A 187 14.93 12.48 4.55
C LYS A 187 15.30 12.73 3.10
N LYS A 188 16.07 13.78 2.87
CA LYS A 188 16.45 14.17 1.52
C LYS A 188 17.96 14.31 1.45
N ALA A 189 18.59 13.46 0.65
CA ALA A 189 20.04 13.48 0.48
C ALA A 189 20.37 13.70 -0.98
N LYS A 190 21.37 14.53 -1.27
CA LYS A 190 21.77 14.74 -2.65
C LYS A 190 23.25 14.50 -2.91
N VAL A 191 23.56 14.14 -4.15
CA VAL A 191 24.91 13.85 -4.58
C VAL A 191 25.39 15.06 -5.39
N GLY A 192 26.35 15.79 -4.81
CA GLY A 192 26.90 17.00 -5.43
C GLY A 192 26.18 18.28 -4.99
N GLY A 193 26.51 19.38 -5.65
CA GLY A 193 25.83 20.66 -5.44
C GLY A 193 26.15 21.38 -4.13
N ASP A 194 25.65 22.61 -4.03
CA ASP A 194 25.85 23.47 -2.86
C ASP A 194 24.95 23.03 -1.71
N VAL A 195 25.19 23.61 -0.52
CA VAL A 195 24.40 23.28 0.66
C VAL A 195 22.95 23.73 0.49
N LEU A 196 22.01 22.86 0.84
CA LEU A 196 20.60 23.18 0.83
C LEU A 196 19.99 22.95 2.21
N GLU A 197 19.18 23.91 2.65
CA GLU A 197 18.46 23.79 3.91
C GLU A 197 17.59 22.54 3.92
N GLY A 198 17.79 21.69 4.93
CA GLY A 198 17.02 20.45 5.06
C GLY A 198 17.46 19.29 4.17
N TRP A 199 18.58 19.47 3.47
CA TRP A 199 19.17 18.44 2.62
C TRP A 199 20.46 17.87 3.20
N ILE A 200 20.65 16.56 3.06
CA ILE A 200 21.91 15.90 3.45
C ILE A 200 22.89 15.91 2.28
N ASP A 201 24.14 16.21 2.58
CA ASP A 201 25.23 16.13 1.61
C ASP A 201 25.68 14.67 1.60
N PHE A 202 25.19 13.89 0.63
CA PHE A 202 25.43 12.44 0.63
C PHE A 202 26.90 12.05 0.66
N ARG A 203 27.68 12.57 -0.28
CA ARG A 203 29.09 12.16 -0.43
C ARG A 203 29.98 12.54 0.76
N LYS A 204 29.70 13.70 1.37
CA LYS A 204 30.43 14.13 2.56
C LYS A 204 30.11 13.20 3.73
N GLU A 205 28.82 12.95 3.94
CA GLU A 205 28.35 12.13 5.05
C GLU A 205 28.70 10.64 4.90
N LEU A 206 28.72 10.17 3.65
CA LEU A 206 29.22 8.83 3.34
C LEU A 206 30.70 8.71 3.74
N GLU A 207 31.50 9.70 3.35
CA GLU A 207 32.93 9.66 3.67
C GLU A 207 33.17 9.74 5.18
N GLU A 208 32.28 10.43 5.91
CA GLU A 208 32.32 10.50 7.37
C GLU A 208 31.81 9.23 8.07
N SER A 209 31.13 8.36 7.32
CA SER A 209 30.54 7.13 7.88
C SER A 209 31.58 6.06 8.10
N SER A 210 31.42 5.30 9.19
CA SER A 210 32.33 4.21 9.52
C SER A 210 32.27 3.09 8.47
N PRO A 211 33.44 2.55 8.09
CA PRO A 211 33.50 1.38 7.22
C PRO A 211 33.27 0.07 7.98
N ILE A 212 33.00 0.16 9.28
CA ILE A 212 32.71 -1.01 10.09
C ILE A 212 31.21 -1.22 10.17
N PHE A 213 30.71 -2.22 9.45
CA PHE A 213 29.30 -2.55 9.50
C PHE A 213 29.09 -4.01 9.87
N GLU A 214 28.26 -4.23 10.89
CA GLU A 214 27.93 -5.57 11.36
C GLU A 214 26.64 -6.04 10.71
N ARG A 215 26.69 -7.19 10.06
CA ARG A 215 25.50 -7.78 9.44
C ARG A 215 24.40 -7.98 10.50
N PRO A 216 23.22 -7.36 10.28
CA PRO A 216 22.09 -7.55 11.18
C PRO A 216 21.76 -9.04 11.35
N THR A 217 21.37 -9.43 12.56
CA THR A 217 21.08 -10.84 12.86
C THR A 217 19.73 -10.98 13.55
N GLY A 218 19.21 -12.21 13.61
CA GLY A 218 17.92 -12.48 14.24
C GLY A 218 16.76 -11.77 13.58
N GLU A 219 15.99 -11.05 14.39
CA GLU A 219 14.79 -10.33 13.92
C GLU A 219 15.09 -9.22 12.89
N VAL A 220 16.33 -8.75 12.86
CA VAL A 220 16.74 -7.63 12.01
C VAL A 220 17.40 -8.09 10.69
N SER A 221 17.56 -9.39 10.53
CA SER A 221 18.27 -9.95 9.36
C SER A 221 17.35 -10.23 8.16
N THR A 222 17.94 -10.30 6.96
CA THR A 222 17.16 -10.59 5.75
C THR A 222 16.93 -12.09 5.55
N LYS A 223 15.86 -12.40 4.83
CA LYS A 223 15.45 -13.74 4.48
C LYS A 223 15.15 -13.73 2.98
N ASN A 224 15.17 -14.90 2.34
CA ASN A 224 14.92 -14.99 0.91
C ASN A 224 13.67 -14.23 0.48
N GLU A 225 12.63 -14.30 1.32
CA GLU A 225 11.32 -13.77 0.98
C GLU A 225 11.17 -12.27 1.23
N ASP A 226 12.17 -11.65 1.85
CA ASP A 226 12.15 -10.20 2.05
C ASP A 226 12.25 -9.45 0.73
N ILE A 227 11.50 -8.36 0.62
CA ILE A 227 11.63 -7.45 -0.52
C ILE A 227 12.95 -6.67 -0.43
N CYS A 228 13.66 -6.52 -1.54
CA CYS A 228 14.90 -5.75 -1.58
C CYS A 228 14.93 -4.67 -2.66
N LEU A 229 14.01 -4.80 -3.62
CA LEU A 229 14.04 -3.95 -4.80
C LEU A 229 12.65 -3.74 -5.35
N VAL A 230 12.32 -2.49 -5.67
CA VAL A 230 10.99 -2.12 -6.16
C VAL A 230 11.11 -1.18 -7.34
N TYR A 231 10.39 -1.47 -8.42
CA TYR A 231 10.23 -0.50 -9.51
C TYR A 231 8.78 -0.11 -9.68
N PHE A 232 8.54 1.19 -9.85
CA PHE A 232 7.25 1.65 -10.30
C PHE A 232 7.11 1.38 -11.80
N SER A 233 6.03 0.71 -12.18
CA SER A 233 5.81 0.26 -13.54
C SER A 233 4.37 0.54 -13.98
N SER A 234 4.21 1.12 -15.17
CA SER A 234 2.91 1.52 -15.72
C SER A 234 1.85 0.41 -15.77
N GLY A 235 0.62 0.79 -15.46
CA GLY A 235 -0.52 -0.11 -15.55
C GLY A 235 -1.53 0.41 -16.55
N THR A 236 -2.39 -0.48 -17.02
CA THR A 236 -3.35 -0.15 -18.06
C THR A 236 -4.35 0.92 -17.61
N ALA A 237 -4.67 0.92 -16.33
CA ALA A 237 -5.54 1.92 -15.73
C ALA A 237 -4.79 2.49 -14.51
N GLY A 238 -5.03 3.74 -14.18
CA GLY A 238 -4.41 4.32 -13.01
C GLY A 238 -2.91 4.52 -13.08
N PHE A 239 -2.32 4.85 -11.93
CA PHE A 239 -0.92 5.21 -11.84
C PHE A 239 -0.02 3.98 -11.67
N PRO A 240 1.30 4.14 -11.90
CA PRO A 240 2.20 3.00 -11.90
C PRO A 240 2.17 2.16 -10.62
N LYS A 241 2.32 0.85 -10.78
CA LYS A 241 2.26 -0.11 -9.68
C LYS A 241 3.66 -0.46 -9.20
N MET A 242 3.79 -0.86 -7.95
CA MET A 242 5.08 -1.22 -7.39
C MET A 242 5.39 -2.69 -7.63
N VAL A 243 6.32 -2.95 -8.55
CA VAL A 243 6.80 -4.30 -8.79
C VAL A 243 7.84 -4.62 -7.72
N GLU A 244 7.50 -5.53 -6.81
CA GLU A 244 8.36 -5.87 -5.70
C GLU A 244 9.11 -7.19 -5.88
N HIS A 245 10.42 -7.11 -5.71
CA HIS A 245 11.31 -8.27 -5.91
C HIS A 245 11.95 -8.68 -4.62
N ASP A 246 12.02 -10.00 -4.40
CA ASP A 246 12.59 -10.54 -3.19
C ASP A 246 14.11 -10.72 -3.33
N ASN A 247 14.77 -11.15 -2.24
CA ASN A 247 16.23 -11.31 -2.21
C ASN A 247 16.81 -12.37 -3.15
N THR A 248 15.97 -13.26 -3.66
CA THR A 248 16.43 -14.28 -4.62
C THR A 248 16.46 -13.78 -6.07
N TYR A 249 15.75 -12.67 -6.35
CA TYR A 249 15.71 -12.08 -7.70
C TYR A 249 17.08 -11.95 -8.39
N PRO A 250 18.09 -11.43 -7.67
CA PRO A 250 19.40 -11.32 -8.33
C PRO A 250 19.93 -12.64 -8.93
N LEU A 251 19.59 -13.77 -8.34
CA LEU A 251 19.96 -15.08 -8.90
C LEU A 251 19.35 -15.35 -10.28
N GLY A 252 18.12 -14.90 -10.51
CA GLY A 252 17.48 -15.09 -11.82
C GLY A 252 18.26 -14.47 -12.98
N HIS A 253 19.00 -13.40 -12.69
CA HIS A 253 19.86 -12.76 -13.67
C HIS A 253 21.12 -13.54 -14.03
N ILE A 254 21.33 -14.69 -13.40
CA ILE A 254 22.29 -15.66 -13.94
C ILE A 254 21.92 -15.98 -15.39
N LEU A 255 20.61 -16.14 -15.65
CA LEU A 255 20.14 -16.45 -17.01
C LEU A 255 20.38 -15.29 -17.97
N THR A 256 20.06 -14.09 -17.48
CA THR A 256 20.26 -12.87 -18.25
C THR A 256 21.74 -12.63 -18.61
N ALA A 257 22.62 -12.81 -17.63
CA ALA A 257 24.03 -12.48 -17.84
C ALA A 257 24.85 -13.58 -18.50
N LYS A 258 24.83 -14.77 -17.92
CA LYS A 258 25.69 -15.83 -18.44
C LYS A 258 25.15 -16.42 -19.75
N TYR A 259 23.84 -16.54 -19.83
CA TYR A 259 23.24 -17.31 -20.91
C TYR A 259 22.70 -16.50 -22.07
N TRP A 260 22.07 -15.36 -21.80
CA TRP A 260 21.60 -14.49 -22.87
C TRP A 260 22.69 -13.53 -23.36
N GLN A 261 23.23 -12.73 -22.44
CA GLN A 261 24.33 -11.79 -22.72
C GLN A 261 25.66 -12.48 -23.03
N ASN A 262 25.83 -13.71 -22.52
CA ASN A 262 27.04 -14.52 -22.74
C ASN A 262 28.28 -13.85 -22.14
N VAL A 263 28.13 -13.24 -20.97
CA VAL A 263 29.25 -12.55 -20.31
C VAL A 263 30.30 -13.58 -19.86
N GLU A 264 31.54 -13.15 -19.75
CA GLU A 264 32.56 -14.04 -19.22
C GLU A 264 33.19 -13.51 -17.94
N ASP A 265 33.70 -14.46 -17.16
CA ASP A 265 34.53 -14.20 -15.99
C ASP A 265 35.66 -13.26 -16.39
N ASP A 266 35.85 -12.20 -15.62
CA ASP A 266 36.87 -11.20 -15.91
C ASP A 266 36.73 -10.55 -17.31
N GLY A 267 35.51 -10.57 -17.85
CA GLY A 267 35.17 -9.83 -19.06
C GLY A 267 34.86 -8.40 -18.69
N LEU A 268 34.16 -7.67 -19.56
CA LEU A 268 33.66 -6.32 -19.25
C LEU A 268 32.36 -6.11 -19.99
N HIS A 269 31.26 -6.14 -19.25
CA HIS A 269 29.96 -6.06 -19.86
C HIS A 269 29.39 -4.65 -19.85
N TYR A 270 28.86 -4.24 -20.98
CA TYR A 270 28.25 -2.92 -21.12
C TYR A 270 26.80 -3.01 -21.62
N THR A 271 25.85 -2.78 -20.70
CA THR A 271 24.47 -2.52 -21.06
C THR A 271 24.22 -1.03 -20.95
N VAL A 272 23.68 -0.45 -22.02
CA VAL A 272 23.27 0.95 -22.02
C VAL A 272 21.88 1.05 -21.34
N ALA A 273 21.86 1.52 -20.10
CA ALA A 273 20.62 1.66 -19.33
C ALA A 273 20.85 2.61 -18.18
N ASP A 274 19.94 3.55 -18.02
CA ASP A 274 19.95 4.44 -16.86
C ASP A 274 19.48 3.71 -15.61
N SER A 275 20.02 4.11 -14.45
CA SER A 275 19.70 3.43 -13.17
C SER A 275 18.23 3.54 -12.70
N GLY A 276 17.46 4.44 -13.31
CA GLY A 276 16.02 4.56 -13.01
C GLY A 276 15.15 3.41 -13.52
N TRP A 277 15.72 2.57 -14.37
CA TRP A 277 14.96 1.57 -15.09
C TRP A 277 15.46 0.17 -14.79
N GLY A 278 14.55 -0.80 -14.82
CA GLY A 278 14.88 -2.20 -14.58
C GLY A 278 16.05 -2.74 -15.37
N LYS A 279 16.18 -2.35 -16.63
CA LYS A 279 17.29 -2.84 -17.47
C LYS A 279 18.66 -2.59 -16.84
N CYS A 280 18.80 -1.54 -16.02
CA CYS A 280 20.08 -1.30 -15.35
C CYS A 280 20.52 -2.51 -14.50
N VAL A 281 19.60 -3.11 -13.74
CA VAL A 281 19.97 -4.27 -12.90
C VAL A 281 20.05 -5.58 -13.69
N TRP A 282 19.45 -5.58 -14.88
CA TRP A 282 19.58 -6.68 -15.83
C TRP A 282 20.98 -6.69 -16.44
N GLY A 283 21.61 -5.52 -16.52
CA GLY A 283 22.83 -5.38 -17.29
C GLY A 283 24.07 -4.87 -16.57
N LYS A 284 23.91 -4.30 -15.37
CA LYS A 284 25.00 -3.56 -14.74
C LYS A 284 25.18 -3.91 -13.27
N LEU A 285 24.71 -5.08 -12.88
CA LEU A 285 24.74 -5.45 -11.47
C LEU A 285 24.73 -6.97 -11.24
N TYR A 286 23.54 -7.55 -11.05
CA TYR A 286 23.38 -8.84 -10.37
C TYR A 286 24.01 -10.02 -11.09
N GLY A 287 23.50 -10.33 -12.28
CA GLY A 287 23.96 -11.50 -13.02
C GLY A 287 25.41 -11.38 -13.44
N GLN A 288 25.82 -10.17 -13.78
CA GLN A 288 27.19 -9.93 -14.27
C GLN A 288 28.19 -10.26 -13.17
N TRP A 289 27.96 -9.71 -11.98
CA TRP A 289 28.87 -9.97 -10.86
C TRP A 289 28.85 -11.43 -10.38
N ILE A 290 27.69 -12.06 -10.36
CA ILE A 290 27.62 -13.51 -10.03
C ILE A 290 28.51 -14.31 -10.99
N ALA A 291 28.45 -13.94 -12.27
CA ALA A 291 29.25 -14.60 -13.31
C ALA A 291 30.68 -14.08 -13.34
N GLY A 292 31.00 -13.19 -12.41
CA GLY A 292 32.37 -12.69 -12.25
C GLY A 292 32.82 -11.65 -13.26
N CYS A 293 31.86 -11.07 -13.98
CA CYS A 293 32.16 -10.12 -15.03
C CYS A 293 31.99 -8.69 -14.53
N ALA A 294 33.00 -7.87 -14.78
CA ALA A 294 32.95 -6.44 -14.47
C ALA A 294 31.92 -5.71 -15.34
N VAL A 295 31.41 -4.58 -14.85
CA VAL A 295 30.47 -3.76 -15.61
C VAL A 295 31.04 -2.40 -15.98
N PHE A 296 30.74 -1.95 -17.19
CA PHE A 296 31.18 -0.63 -17.66
C PHE A 296 30.05 0.38 -17.48
N VAL A 297 30.37 1.47 -16.81
CA VAL A 297 29.40 2.53 -16.56
C VAL A 297 29.91 3.82 -17.16
N TYR A 298 29.09 4.41 -18.03
CA TYR A 298 29.44 5.64 -18.71
C TYR A 298 28.36 6.68 -18.47
N ASP A 299 28.64 7.55 -17.51
CA ASP A 299 27.69 8.52 -17.01
C ASP A 299 27.70 9.80 -17.85
N TYR A 300 27.15 9.71 -19.06
CA TYR A 300 27.03 10.87 -19.96
C TYR A 300 25.70 11.57 -19.78
N ASP A 301 25.61 12.80 -20.27
CA ASP A 301 24.38 13.59 -20.15
C ASP A 301 23.66 13.68 -21.48
N ARG A 302 24.42 13.79 -22.56
CA ARG A 302 23.86 13.68 -23.91
C ARG A 302 24.53 12.54 -24.68
N PHE A 303 23.73 11.75 -25.36
CA PHE A 303 24.22 10.62 -26.11
C PHE A 303 24.95 11.08 -27.37
N GLU A 304 26.15 10.54 -27.55
CA GLU A 304 26.92 10.72 -28.76
C GLU A 304 27.54 9.37 -29.08
N ALA A 305 27.12 8.78 -30.19
CA ALA A 305 27.51 7.43 -30.58
C ALA A 305 29.03 7.26 -30.70
N LYS A 306 29.70 8.28 -31.24
CA LYS A 306 31.16 8.31 -31.34
C LYS A 306 31.85 8.29 -29.98
N ASN A 307 31.29 9.01 -29.01
CA ASN A 307 31.80 9.01 -27.65
C ASN A 307 31.63 7.63 -26.98
N MET A 308 30.45 7.03 -27.18
CA MET A 308 30.16 5.72 -26.60
C MET A 308 31.08 4.64 -27.18
N LEU A 309 31.22 4.65 -28.51
CA LEU A 309 32.11 3.70 -29.21
C LEU A 309 33.55 3.87 -28.78
N GLU A 310 34.00 5.12 -28.64
CA GLU A 310 35.40 5.37 -28.28
C GLU A 310 35.71 4.91 -26.86
N LYS A 311 34.83 5.20 -25.92
CA LYS A 311 35.01 4.77 -24.53
C LYS A 311 34.93 3.24 -24.35
N ALA A 312 33.94 2.62 -24.99
CA ALA A 312 33.75 1.17 -24.90
C ALA A 312 34.97 0.45 -25.46
N SER A 313 35.50 0.98 -26.58
CA SER A 313 36.69 0.43 -27.23
C SER A 313 37.95 0.62 -26.39
N LYS A 314 38.18 1.82 -25.87
CA LYS A 314 39.38 2.11 -25.08
C LYS A 314 39.44 1.28 -23.79
N TYR A 315 38.28 1.04 -23.18
CA TYR A 315 38.23 0.29 -21.92
C TYR A 315 38.14 -1.21 -22.12
N GLY A 316 37.89 -1.63 -23.36
CA GLY A 316 37.93 -3.05 -23.70
C GLY A 316 36.66 -3.80 -23.37
N VAL A 317 35.51 -3.22 -23.73
CA VAL A 317 34.22 -3.89 -23.53
C VAL A 317 34.18 -5.19 -24.35
N THR A 318 33.80 -6.30 -23.71
CA THR A 318 33.73 -7.59 -24.40
C THR A 318 32.32 -8.00 -24.81
N THR A 319 31.33 -7.61 -24.01
CA THR A 319 29.93 -7.93 -24.32
C THR A 319 29.06 -6.68 -24.17
N PHE A 320 28.05 -6.57 -25.02
CA PHE A 320 27.29 -5.34 -25.16
C PHE A 320 25.79 -5.61 -25.22
N CYS A 321 25.01 -4.72 -24.62
CA CYS A 321 23.58 -4.68 -24.83
C CYS A 321 23.09 -3.26 -24.98
N ALA A 322 22.15 -3.05 -25.90
CA ALA A 322 21.47 -1.78 -26.02
C ALA A 322 20.08 -2.00 -26.64
N PRO A 323 19.17 -1.00 -26.49
CA PRO A 323 17.91 -1.05 -27.24
C PRO A 323 18.15 -0.75 -28.72
N PRO A 324 17.24 -1.22 -29.59
CA PRO A 324 17.36 -0.96 -31.03
C PRO A 324 17.67 0.50 -31.41
N THR A 325 17.06 1.48 -30.73
CA THR A 325 17.33 2.88 -31.03
C THR A 325 18.82 3.23 -30.93
N ILE A 326 19.50 2.73 -29.90
CA ILE A 326 20.94 2.95 -29.73
C ILE A 326 21.72 2.29 -30.87
N TYR A 327 21.37 1.05 -31.18
CA TYR A 327 21.98 0.36 -32.32
C TYR A 327 21.83 1.12 -33.65
N ARG A 328 20.67 1.74 -33.87
CA ARG A 328 20.43 2.54 -35.07
C ARG A 328 21.37 3.73 -35.19
N PHE A 329 21.63 4.39 -34.06
CA PHE A 329 22.58 5.50 -34.02
C PHE A 329 24.00 5.01 -34.19
N LEU A 330 24.31 3.86 -33.60
CA LEU A 330 25.64 3.28 -33.76
C LEU A 330 25.95 2.95 -35.21
N ILE A 331 24.97 2.40 -35.93
CA ILE A 331 25.19 2.00 -37.33
C ILE A 331 25.26 3.18 -38.30
N LYS A 332 24.70 4.33 -37.93
CA LYS A 332 24.83 5.56 -38.74
C LYS A 332 26.27 6.10 -38.69
N GLU A 333 27.09 5.49 -37.83
CA GLU A 333 28.52 5.81 -37.79
C GLU A 333 29.28 4.80 -38.63
N ASP A 334 30.45 5.21 -39.10
CA ASP A 334 31.37 4.28 -39.72
C ASP A 334 32.08 3.53 -38.60
N LEU A 335 31.63 2.30 -38.34
CA LEU A 335 32.25 1.45 -37.32
C LEU A 335 33.56 0.88 -37.86
N ASN A 339 37.57 0.62 -34.31
CA ASN A 339 38.38 -0.51 -33.87
C ASN A 339 37.91 -1.06 -32.52
N PHE A 340 36.87 -1.88 -32.56
CA PHE A 340 36.25 -2.43 -31.36
C PHE A 340 36.56 -3.93 -31.31
N SER A 341 37.85 -4.22 -31.15
CA SER A 341 38.37 -5.58 -31.28
C SER A 341 38.03 -6.52 -30.13
N THR A 342 37.71 -5.96 -28.97
CA THR A 342 37.40 -6.79 -27.81
C THR A 342 35.95 -7.29 -27.80
N LEU A 343 35.09 -6.66 -28.60
CA LEU A 343 33.68 -7.04 -28.65
C LEU A 343 33.45 -8.43 -29.20
N LYS A 344 32.91 -9.31 -28.35
CA LYS A 344 32.72 -10.72 -28.68
C LYS A 344 31.25 -11.14 -28.84
N TYR A 345 30.34 -10.38 -28.24
CA TYR A 345 28.91 -10.76 -28.20
C TYR A 345 28.04 -9.52 -27.95
N ALA A 346 26.90 -9.47 -28.62
CA ALA A 346 26.00 -8.31 -28.53
C ALA A 346 24.55 -8.77 -28.49
N VAL A 347 23.79 -8.24 -27.54
CA VAL A 347 22.36 -8.53 -27.42
C VAL A 347 21.54 -7.27 -27.55
N VAL A 348 20.24 -7.46 -27.80
CA VAL A 348 19.33 -6.34 -28.02
C VAL A 348 18.00 -6.67 -27.33
N ALA A 349 17.37 -5.64 -26.78
CA ALA A 349 16.06 -5.77 -26.14
C ALA A 349 15.41 -4.40 -25.95
N GLY A 350 14.09 -4.39 -25.86
CA GLY A 350 13.37 -3.22 -25.34
C GLY A 350 12.48 -2.50 -26.33
N GLU A 351 12.75 -2.68 -27.63
CA GLU A 351 11.91 -2.12 -28.71
C GLU A 351 11.81 -3.18 -29.80
N PRO A 352 10.76 -3.10 -30.66
CA PRO A 352 10.77 -3.96 -31.85
C PRO A 352 12.09 -3.84 -32.61
N LEU A 353 12.60 -4.98 -33.08
CA LEU A 353 13.84 -5.02 -33.83
C LEU A 353 13.58 -5.21 -35.33
N ASN A 354 13.97 -4.19 -36.11
CA ASN A 354 13.95 -4.28 -37.57
C ASN A 354 15.12 -5.13 -38.05
N PRO A 355 14.86 -6.11 -38.93
CA PRO A 355 15.91 -6.94 -39.54
C PRO A 355 17.05 -6.14 -40.19
N GLU A 356 16.76 -4.94 -40.67
CA GLU A 356 17.78 -4.08 -41.29
C GLU A 356 18.81 -3.61 -40.26
N VAL A 357 18.38 -3.37 -39.02
CA VAL A 357 19.31 -3.02 -37.94
C VAL A 357 20.25 -4.21 -37.65
N PHE A 358 19.68 -5.40 -37.59
CA PHE A 358 20.43 -6.64 -37.42
C PHE A 358 21.45 -6.85 -38.55
N ASN A 359 20.99 -6.65 -39.78
CA ASN A 359 21.83 -6.85 -40.95
C ASN A 359 22.99 -5.86 -41.00
N ARG A 360 22.70 -4.58 -40.80
CA ARG A 360 23.70 -3.53 -40.82
C ARG A 360 24.76 -3.73 -39.72
N PHE A 361 24.32 -4.14 -38.52
CA PHE A 361 25.25 -4.39 -37.44
C PHE A 361 26.17 -5.59 -37.72
N LEU A 362 25.60 -6.63 -38.32
CA LEU A 362 26.38 -7.83 -38.68
C LEU A 362 27.44 -7.53 -39.74
N GLU A 363 27.05 -6.71 -40.72
CA GLU A 363 27.94 -6.26 -41.79
C GLU A 363 29.11 -5.42 -41.26
N PHE A 364 28.84 -4.59 -40.26
CA PHE A 364 29.88 -3.76 -39.64
C PHE A 364 30.84 -4.53 -38.73
N THR A 365 30.33 -5.54 -38.03
CA THR A 365 31.09 -6.13 -36.90
C THR A 365 31.33 -7.64 -37.00
N GLY A 366 30.55 -8.32 -37.83
CA GLY A 366 30.54 -9.80 -37.82
C GLY A 366 29.86 -10.38 -36.60
N ILE A 367 29.16 -9.54 -35.83
CA ILE A 367 28.40 -9.96 -34.63
C ILE A 367 26.90 -9.95 -34.93
N LYS A 368 26.23 -11.06 -34.62
CA LYS A 368 24.76 -11.19 -34.74
C LYS A 368 24.07 -10.69 -33.47
N LEU A 369 23.14 -9.73 -33.62
CA LEU A 369 22.36 -9.23 -32.47
C LEU A 369 21.37 -10.29 -32.00
N MET A 370 21.50 -10.68 -30.74
CA MET A 370 20.70 -11.77 -30.18
C MET A 370 19.63 -11.18 -29.28
N GLU A 371 18.40 -11.17 -29.78
CA GLU A 371 17.31 -10.51 -29.08
C GLU A 371 16.81 -11.27 -27.84
N GLY A 372 16.48 -10.52 -26.79
CA GLY A 372 15.93 -11.09 -25.56
C GLY A 372 14.74 -10.25 -25.12
N PHE A 373 13.98 -10.78 -24.16
CA PHE A 373 12.69 -10.18 -23.81
C PHE A 373 12.34 -10.52 -22.36
N GLY A 374 11.63 -9.59 -21.72
CA GLY A 374 11.14 -9.81 -20.35
C GLY A 374 10.37 -8.56 -19.94
N GLN A 375 10.13 -8.43 -18.64
CA GLN A 375 9.34 -7.31 -18.08
C GLN A 375 9.98 -6.87 -16.79
N THR A 376 9.51 -5.75 -16.25
CA THR A 376 9.90 -5.33 -14.91
C THR A 376 9.70 -6.44 -13.86
N GLU A 377 8.62 -7.20 -14.04
CA GLU A 377 8.22 -8.28 -13.15
C GLU A 377 9.10 -9.54 -13.20
N THR A 378 10.02 -9.64 -14.16
CA THR A 378 10.72 -10.90 -14.42
C THR A 378 12.20 -10.66 -14.71
N VAL A 379 12.95 -11.74 -14.94
CA VAL A 379 14.28 -11.63 -15.54
C VAL A 379 14.06 -11.92 -17.03
N VAL A 380 15.11 -12.29 -17.78
CA VAL A 380 14.88 -12.67 -19.19
C VAL A 380 13.94 -13.90 -19.25
N THR A 381 12.80 -13.78 -19.93
CA THR A 381 11.83 -14.89 -20.01
C THR A 381 11.79 -15.59 -21.36
N ILE A 382 12.14 -14.85 -22.41
CA ILE A 382 12.18 -15.38 -23.77
C ILE A 382 13.41 -14.77 -24.41
N ALA A 383 14.28 -15.60 -24.99
CA ALA A 383 15.50 -15.06 -25.57
C ALA A 383 16.05 -15.88 -26.72
N THR A 384 16.88 -15.23 -27.53
CA THR A 384 17.66 -15.92 -28.52
C THR A 384 18.98 -16.28 -27.83
N PHE A 385 19.10 -17.55 -27.45
CA PHE A 385 20.24 -18.05 -26.70
C PHE A 385 21.38 -18.46 -27.66
N PRO A 386 22.62 -18.63 -27.13
CA PRO A 386 23.83 -18.82 -27.97
C PRO A 386 23.78 -20.02 -28.91
N TRP A 387 22.99 -21.04 -28.57
CA TRP A 387 22.86 -22.24 -29.39
C TRP A 387 21.90 -22.05 -30.56
N MET A 388 21.08 -21.00 -30.50
CA MET A 388 20.03 -20.74 -31.47
C MET A 388 20.49 -19.78 -32.58
N GLU A 389 20.07 -20.06 -33.80
CA GLU A 389 20.18 -19.12 -34.90
C GLU A 389 19.09 -18.07 -34.72
N PRO A 390 19.47 -16.77 -34.70
CA PRO A 390 18.45 -15.73 -34.51
C PRO A 390 17.52 -15.64 -35.69
N LYS A 391 16.25 -15.38 -35.43
CA LYS A 391 15.35 -14.93 -36.50
C LYS A 391 15.16 -13.43 -36.26
N PRO A 392 15.81 -12.57 -37.08
CA PRO A 392 15.73 -11.12 -36.86
C PRO A 392 14.29 -10.62 -36.70
N GLY A 393 13.98 -10.05 -35.53
CA GLY A 393 12.62 -9.63 -35.19
C GLY A 393 11.91 -10.52 -34.17
N SER A 394 12.36 -11.77 -34.04
CA SER A 394 11.80 -12.69 -33.05
C SER A 394 12.56 -12.62 -31.72
N ILE A 395 11.80 -12.57 -30.63
CA ILE A 395 12.37 -12.59 -29.29
C ILE A 395 12.96 -13.96 -28.86
N GLY A 396 12.75 -14.98 -29.67
CA GLY A 396 13.39 -16.29 -29.44
C GLY A 396 12.52 -17.32 -28.72
N LYS A 397 13.12 -17.99 -27.74
CA LYS A 397 12.44 -19.10 -27.05
C LYS A 397 12.48 -18.95 -25.52
N PRO A 398 11.58 -19.66 -24.81
CA PRO A 398 11.49 -19.55 -23.35
C PRO A 398 12.79 -19.87 -22.58
N THR A 399 13.04 -19.07 -21.55
CA THR A 399 14.10 -19.31 -20.57
C THR A 399 13.77 -20.57 -19.74
N PRO A 400 14.80 -21.42 -19.48
CA PRO A 400 14.61 -22.60 -18.60
C PRO A 400 14.05 -22.14 -17.26
N GLY A 401 13.10 -22.89 -16.72
CA GLY A 401 12.51 -22.56 -15.44
C GLY A 401 11.30 -21.65 -15.53
N TYR A 402 11.13 -20.95 -16.64
CA TYR A 402 9.94 -20.14 -16.90
C TYR A 402 9.03 -20.95 -17.81
N LYS A 403 7.96 -21.50 -17.23
CA LYS A 403 6.98 -22.25 -18.02
C LYS A 403 6.11 -21.25 -18.79
N ILE A 404 6.67 -20.77 -19.91
CA ILE A 404 6.02 -19.80 -20.77
C ILE A 404 4.98 -20.49 -21.64
N GLU A 405 3.76 -19.96 -21.61
CA GLU A 405 2.68 -20.48 -22.44
CA GLU A 405 2.68 -20.48 -22.45
C GLU A 405 1.94 -19.32 -23.11
N LEU A 406 1.25 -19.62 -24.21
CA LEU A 406 0.40 -18.63 -24.88
C LEU A 406 -1.05 -19.02 -24.67
N MET A 407 -1.80 -18.12 -24.04
CA MET A 407 -3.15 -18.44 -23.58
C MET A 407 -4.19 -17.56 -24.26
N ASP A 408 -5.29 -18.18 -24.68
CA ASP A 408 -6.39 -17.46 -25.33
C ASP A 408 -7.40 -16.89 -24.31
N ARG A 409 -8.47 -16.27 -24.82
CA ARG A 409 -9.47 -15.64 -23.97
C ARG A 409 -10.23 -16.66 -23.11
N ASP A 410 -10.16 -17.93 -23.49
CA ASP A 410 -10.88 -18.99 -22.79
C ASP A 410 -10.02 -19.71 -21.74
N GLY A 411 -8.79 -19.22 -21.54
CA GLY A 411 -7.85 -19.87 -20.65
C GLY A 411 -7.24 -21.11 -21.27
N ARG A 412 -7.46 -21.30 -22.57
CA ARG A 412 -6.92 -22.44 -23.29
C ARG A 412 -5.59 -22.06 -23.92
N LEU A 413 -4.74 -23.04 -24.14
CA LEU A 413 -3.44 -22.80 -24.75
C LEU A 413 -3.52 -22.72 -26.27
N CYS A 414 -2.71 -21.83 -26.84
CA CYS A 414 -2.71 -21.55 -28.28
C CYS A 414 -1.81 -22.53 -29.05
N GLU A 415 -2.19 -22.83 -30.30
CA GLU A 415 -1.33 -23.62 -31.19
C GLU A 415 -0.48 -22.67 -32.05
N VAL A 416 0.44 -23.26 -32.82
CA VAL A 416 1.29 -22.51 -33.76
C VAL A 416 0.47 -21.53 -34.60
N GLY A 417 0.95 -20.29 -34.69
CA GLY A 417 0.35 -19.29 -35.58
C GLY A 417 -0.78 -18.52 -34.94
N GLU A 418 -1.12 -18.89 -33.71
CA GLU A 418 -2.25 -18.32 -32.98
C GLU A 418 -1.75 -17.32 -31.93
N GLU A 419 -2.26 -16.10 -31.99
CA GLU A 419 -1.93 -15.05 -31.05
C GLU A 419 -2.57 -15.35 -29.69
N GLY A 420 -1.75 -15.26 -28.64
CA GLY A 420 -2.24 -15.45 -27.28
C GLY A 420 -1.46 -14.57 -26.33
N GLU A 421 -1.91 -14.50 -25.07
CA GLU A 421 -1.15 -13.78 -24.05
C GLU A 421 -0.04 -14.64 -23.53
N ILE A 422 1.17 -14.06 -23.45
CA ILE A 422 2.27 -14.69 -22.74
C ILE A 422 1.90 -14.80 -21.27
N VAL A 423 1.84 -16.03 -20.79
CA VAL A 423 1.54 -16.31 -19.38
C VAL A 423 2.66 -17.17 -18.83
N ILE A 424 2.85 -17.11 -17.52
CA ILE A 424 3.83 -17.93 -16.82
C ILE A 424 3.11 -18.85 -15.83
N ASN A 425 3.21 -20.15 -16.10
CA ASN A 425 2.62 -21.17 -15.25
C ASN A 425 3.45 -21.25 -13.97
N THR A 426 2.82 -20.94 -12.84
CA THR A 426 3.52 -20.95 -11.55
C THR A 426 3.00 -22.07 -10.61
N MET A 427 2.31 -23.06 -11.16
CA MET A 427 1.67 -24.10 -10.34
C MET A 427 2.69 -24.92 -9.55
N GLU A 428 3.91 -25.03 -10.08
CA GLU A 428 5.00 -25.72 -9.38
C GLU A 428 5.82 -24.80 -8.48
N GLY A 429 5.39 -23.55 -8.31
CA GLY A 429 6.12 -22.57 -7.52
C GLY A 429 6.59 -21.38 -8.36
N LYS A 430 6.93 -20.29 -7.70
CA LYS A 430 7.37 -19.06 -8.35
C LYS A 430 8.77 -19.25 -8.93
N PRO A 431 8.93 -19.06 -10.26
CA PRO A 431 10.30 -19.13 -10.79
C PRO A 431 11.16 -18.05 -10.16
N VAL A 432 12.44 -18.36 -9.96
CA VAL A 432 13.41 -17.39 -9.45
C VAL A 432 13.45 -16.22 -10.45
N GLY A 433 13.32 -15.00 -9.95
CA GLY A 433 13.33 -13.83 -10.80
C GLY A 433 11.95 -13.22 -11.01
N LEU A 434 10.90 -13.97 -10.69
CA LEU A 434 9.54 -13.46 -10.81
C LEU A 434 9.21 -12.63 -9.57
N PHE A 435 8.59 -11.46 -9.79
CA PHE A 435 8.17 -10.55 -8.71
C PHE A 435 7.27 -11.26 -7.71
N VAL A 436 7.20 -10.72 -6.49
CA VAL A 436 6.36 -11.28 -5.41
C VAL A 436 4.90 -10.82 -5.56
N HIS A 437 4.72 -9.54 -5.86
CA HIS A 437 3.40 -8.93 -5.94
C HIS A 437 3.53 -7.49 -6.38
N TYR A 438 2.39 -6.84 -6.67
CA TYR A 438 2.35 -5.39 -6.76
C TYR A 438 2.22 -4.87 -5.32
N GLY A 439 3.20 -4.09 -4.88
CA GLY A 439 3.29 -3.69 -3.48
C GLY A 439 2.08 -2.89 -3.07
N LYS A 440 1.49 -3.30 -1.94
CA LYS A 440 0.32 -2.65 -1.35
C LYS A 440 -0.93 -2.71 -2.24
N ASP A 441 -0.88 -3.59 -3.25
CA ASP A 441 -2.00 -3.72 -4.17
C ASP A 441 -2.32 -5.18 -4.43
N PRO A 442 -2.85 -5.86 -3.39
CA PRO A 442 -3.27 -7.25 -3.58
C PRO A 442 -4.37 -7.44 -4.63
N GLU A 443 -5.21 -6.42 -4.86
CA GLU A 443 -6.29 -6.54 -5.85
C GLU A 443 -5.73 -6.68 -7.26
N ARG A 444 -4.83 -5.76 -7.63
CA ARG A 444 -4.14 -5.87 -8.92
C ARG A 444 -3.32 -7.15 -9.03
N THR A 445 -2.64 -7.54 -7.95
CA THR A 445 -1.86 -8.77 -7.95
C THR A 445 -2.73 -9.99 -8.28
N GLU A 446 -3.87 -10.12 -7.59
CA GLU A 446 -4.82 -11.21 -7.83
C GLU A 446 -5.47 -11.15 -9.22
N GLU A 447 -5.75 -9.95 -9.72
CA GLU A 447 -6.30 -9.78 -11.07
C GLU A 447 -5.36 -10.33 -12.14
N THR A 448 -4.05 -10.20 -11.90
CA THR A 448 -3.04 -10.55 -12.91
C THR A 448 -2.44 -11.93 -12.69
N TRP A 449 -2.53 -12.45 -11.47
CA TRP A 449 -1.88 -13.71 -11.09
C TRP A 449 -2.84 -14.56 -10.28
N HIS A 450 -3.45 -15.55 -10.93
CA HIS A 450 -4.48 -16.35 -10.29
C HIS A 450 -4.59 -17.70 -11.03
N ASP A 451 -5.11 -18.71 -10.33
CA ASP A 451 -5.38 -20.02 -10.93
C ASP A 451 -4.15 -20.67 -11.57
N GLY A 452 -2.98 -20.39 -11.02
CA GLY A 452 -1.73 -20.97 -11.49
C GLY A 452 -0.99 -20.26 -12.61
N TYR A 453 -1.45 -19.06 -13.01
CA TYR A 453 -0.82 -18.30 -14.09
C TYR A 453 -0.61 -16.83 -13.75
N TYR A 454 0.63 -16.36 -13.93
CA TYR A 454 0.87 -14.93 -13.94
C TYR A 454 0.69 -14.43 -15.38
N HIS A 455 -0.18 -13.44 -15.55
CA HIS A 455 -0.50 -12.87 -16.85
C HIS A 455 0.37 -11.65 -17.15
N THR A 456 1.25 -11.78 -18.15
CA THR A 456 2.21 -10.70 -18.44
C THR A 456 1.58 -9.51 -19.17
N GLY A 457 0.46 -9.75 -19.87
CA GLY A 457 -0.22 -8.71 -20.64
C GLY A 457 0.36 -8.48 -22.02
N ASP A 458 1.39 -9.25 -22.35
CA ASP A 458 2.06 -9.19 -23.65
C ASP A 458 1.51 -10.29 -24.56
N MET A 459 1.19 -9.92 -25.80
CA MET A 459 0.63 -10.84 -26.79
C MET A 459 1.72 -11.30 -27.77
N ALA A 460 1.67 -12.58 -28.14
CA ALA A 460 2.65 -13.15 -29.04
C ALA A 460 2.07 -14.35 -29.77
N TRP A 461 2.76 -14.77 -30.82
CA TRP A 461 2.46 -16.05 -31.44
C TRP A 461 3.76 -16.82 -31.63
N MET A 462 3.64 -18.14 -31.74
CA MET A 462 4.80 -19.01 -31.91
C MET A 462 4.78 -19.58 -33.31
N ASP A 463 5.94 -19.59 -33.96
CA ASP A 463 6.04 -20.16 -35.30
C ASP A 463 6.30 -21.67 -35.25
N GLU A 464 6.45 -22.28 -36.43
CA GLU A 464 6.69 -23.71 -36.58
C GLU A 464 7.97 -24.18 -35.90
N ASP A 465 8.95 -23.30 -35.80
CA ASP A 465 10.26 -23.64 -35.25
C ASP A 465 10.32 -23.40 -33.74
N GLY A 466 9.21 -22.97 -33.15
CA GLY A 466 9.13 -22.67 -31.73
C GLY A 466 9.51 -21.25 -31.35
N TYR A 467 9.90 -20.44 -32.35
CA TYR A 467 10.31 -19.04 -32.08
C TYR A 467 9.07 -18.18 -31.85
N LEU A 468 9.19 -17.24 -30.89
CA LEU A 468 8.07 -16.38 -30.50
C LEU A 468 8.15 -14.98 -31.12
N TRP A 469 6.99 -14.45 -31.50
CA TRP A 469 6.90 -13.16 -32.17
C TRP A 469 5.94 -12.26 -31.40
N PHE A 470 6.47 -11.17 -30.84
CA PHE A 470 5.68 -10.23 -30.04
C PHE A 470 4.76 -9.43 -30.94
N VAL A 471 3.50 -9.24 -30.54
CA VAL A 471 2.53 -8.51 -31.39
C VAL A 471 1.81 -7.33 -30.74
N GLY A 472 2.00 -7.14 -29.44
CA GLY A 472 1.43 -5.98 -28.77
C GLY A 472 0.94 -6.32 -27.37
N ARG A 473 0.23 -5.37 -26.77
CA ARG A 473 -0.30 -5.54 -25.44
C ARG A 473 -1.70 -6.09 -25.49
N ALA A 474 -2.07 -6.82 -24.44
CA ALA A 474 -3.43 -7.31 -24.28
C ALA A 474 -4.31 -6.18 -23.75
N ASP A 475 -3.69 -5.13 -23.22
CA ASP A 475 -4.40 -4.02 -22.59
C ASP A 475 -4.14 -2.67 -23.28
N ASP A 476 -4.30 -1.57 -22.55
CA ASP A 476 -4.12 -0.22 -23.12
C ASP A 476 -2.77 0.42 -22.85
N ILE A 477 -1.84 -0.34 -22.27
CA ILE A 477 -0.48 0.19 -22.07
C ILE A 477 0.18 0.50 -23.44
N ILE A 478 0.83 1.66 -23.51
CA ILE A 478 1.48 2.12 -24.72
C ILE A 478 2.98 1.96 -24.54
N LYS A 479 3.67 1.60 -25.61
CA LYS A 479 5.12 1.45 -25.57
C LYS A 479 5.73 2.28 -26.69
N THR A 480 6.51 3.29 -26.30
CA THR A 480 7.02 4.28 -27.24
C THR A 480 8.52 4.48 -27.03
N SER A 481 9.31 4.09 -28.03
CA SER A 481 10.77 4.06 -27.97
C SER A 481 11.29 3.30 -26.73
N GLY A 482 10.60 2.22 -26.36
CA GLY A 482 10.98 1.44 -25.20
C GLY A 482 10.37 1.90 -23.88
N TYR A 483 9.76 3.09 -23.88
CA TYR A 483 9.05 3.60 -22.70
C TYR A 483 7.63 3.07 -22.60
N LYS A 484 7.35 2.40 -21.50
CA LYS A 484 6.02 1.93 -21.13
C LYS A 484 5.25 3.10 -20.52
N VAL A 485 4.03 3.34 -21.02
CA VAL A 485 3.20 4.43 -20.56
C VAL A 485 1.77 3.94 -20.31
N GLY A 486 1.29 4.13 -19.09
CA GLY A 486 -0.11 3.91 -18.80
C GLY A 486 -0.91 5.10 -19.28
N PRO A 487 -1.99 4.86 -20.03
CA PRO A 487 -2.71 5.98 -20.65
C PRO A 487 -3.20 7.00 -19.63
N PHE A 488 -3.59 6.53 -18.43
CA PHE A 488 -4.10 7.45 -17.41
C PHE A 488 -3.05 8.43 -16.88
N GLU A 489 -1.77 8.08 -17.03
CA GLU A 489 -0.68 8.95 -16.60
C GLU A 489 -0.69 10.23 -17.42
N VAL A 490 -1.04 10.10 -18.71
CA VAL A 490 -1.13 11.25 -19.61
C VAL A 490 -2.51 11.91 -19.53
N GLU A 491 -3.56 11.09 -19.43
CA GLU A 491 -4.94 11.58 -19.27
C GLU A 491 -5.12 12.46 -18.03
N SER A 492 -4.60 12.01 -16.90
CA SER A 492 -4.66 12.75 -15.63
C SER A 492 -3.96 14.11 -15.71
N ALA A 493 -2.89 14.16 -16.48
CA ALA A 493 -2.14 15.40 -16.72
C ALA A 493 -2.95 16.38 -17.58
N LEU A 494 -3.48 15.89 -18.70
CA LEU A 494 -4.23 16.71 -19.66
C LEU A 494 -5.50 17.35 -19.10
N ILE A 495 -6.25 16.59 -18.30
CA ILE A 495 -7.50 17.07 -17.72
C ILE A 495 -7.31 18.23 -16.72
N GLN A 496 -6.06 18.47 -16.31
CA GLN A 496 -5.74 19.61 -15.44
C GLN A 496 -5.71 20.93 -16.21
N HIS A 497 -5.57 20.85 -17.53
CA HIS A 497 -5.61 22.03 -18.39
C HIS A 497 -7.05 22.46 -18.63
N PRO A 498 -7.34 23.78 -18.51
CA PRO A 498 -8.67 24.36 -18.75
C PRO A 498 -9.29 23.97 -20.10
N ALA A 499 -8.45 23.75 -21.12
CA ALA A 499 -8.93 23.46 -22.48
C ALA A 499 -9.60 22.10 -22.62
N VAL A 500 -9.25 21.18 -21.72
CA VAL A 500 -9.65 19.79 -21.87
C VAL A 500 -10.86 19.45 -21.01
N LEU A 501 -11.96 19.08 -21.66
CA LEU A 501 -13.17 18.61 -20.98
C LEU A 501 -13.07 17.10 -20.79
N GLU A 502 -12.79 16.40 -21.88
CA GLU A 502 -12.54 14.96 -21.86
C GLU A 502 -11.39 14.65 -22.78
N CYS A 503 -10.71 13.52 -22.55
CA CYS A 503 -9.61 13.07 -23.41
C CYS A 503 -9.33 11.58 -23.28
N ALA A 504 -8.92 10.98 -24.40
CA ALA A 504 -8.50 9.58 -24.41
C ALA A 504 -7.10 9.46 -25.00
N ILE A 505 -6.26 8.67 -24.33
CA ILE A 505 -4.87 8.47 -24.73
C ILE A 505 -4.70 7.07 -25.30
N THR A 506 -4.26 7.00 -26.55
CA THR A 506 -4.09 5.71 -27.23
C THR A 506 -2.75 5.65 -27.96
N GLY A 507 -2.36 4.45 -28.36
CA GLY A 507 -1.12 4.26 -29.11
C GLY A 507 -1.45 4.11 -30.58
N VAL A 508 -0.70 4.81 -31.42
CA VAL A 508 -0.80 4.60 -32.85
C VAL A 508 0.55 4.05 -33.35
N PRO A 509 0.52 3.04 -34.24
CA PRO A 509 1.75 2.41 -34.76
C PRO A 509 2.72 3.40 -35.40
N ASP A 510 4.00 3.22 -35.12
CA ASP A 510 5.09 4.05 -35.67
C ASP A 510 6.25 3.11 -36.00
N PRO A 511 6.85 3.23 -37.20
CA PRO A 511 7.90 2.29 -37.60
C PRO A 511 9.22 2.49 -36.87
N VAL A 512 9.47 3.70 -36.38
CA VAL A 512 10.72 4.00 -35.67
C VAL A 512 10.54 3.82 -34.16
N ARG A 513 9.36 4.19 -33.65
CA ARG A 513 9.10 4.29 -32.21
C ARG A 513 8.22 3.17 -31.62
N GLY A 514 7.79 2.25 -32.47
CA GLY A 514 6.85 1.19 -32.07
C GLY A 514 5.44 1.75 -32.03
N GLN A 515 5.19 2.61 -31.05
CA GLN A 515 3.95 3.40 -31.00
C GLN A 515 4.30 4.84 -30.65
N VAL A 516 3.39 5.76 -31.00
CA VAL A 516 3.42 7.10 -30.43
C VAL A 516 2.15 7.36 -29.62
N ILE A 517 2.26 8.22 -28.62
CA ILE A 517 1.12 8.59 -27.79
C ILE A 517 0.25 9.58 -28.56
N LYS A 518 -1.02 9.21 -28.70
CA LYS A 518 -2.02 10.09 -29.27
C LYS A 518 -3.04 10.48 -28.20
N ALA A 519 -3.35 11.77 -28.16
CA ALA A 519 -4.42 12.28 -27.32
C ALA A 519 -5.59 12.72 -28.20
N THR A 520 -6.73 12.07 -28.03
CA THR A 520 -7.97 12.50 -28.66
C THR A 520 -8.71 13.32 -27.60
N ILE A 521 -8.94 14.59 -27.90
CA ILE A 521 -9.44 15.57 -26.91
C ILE A 521 -10.74 16.26 -27.33
N VAL A 522 -11.72 16.26 -26.42
CA VAL A 522 -12.89 17.13 -26.54
C VAL A 522 -12.56 18.41 -25.77
N LEU A 523 -12.66 19.55 -26.46
CA LEU A 523 -12.30 20.84 -25.89
C LEU A 523 -13.43 21.47 -25.08
N THR A 524 -13.07 22.42 -24.19
CA THR A 524 -14.07 23.16 -23.42
C THR A 524 -14.65 24.33 -24.25
N LYS A 525 -15.65 25.02 -23.69
CA LYS A 525 -16.32 26.12 -24.41
C LYS A 525 -15.39 27.30 -24.74
N ASP A 526 -14.45 27.58 -23.84
CA ASP A 526 -13.53 28.73 -23.97
C ASP A 526 -12.51 28.62 -25.12
N TYR A 527 -12.18 27.35 -25.52
CA TYR A 527 -11.07 27.13 -26.45
C TYR A 527 -11.49 26.79 -27.89
N THR A 528 -10.47 26.96 -28.80
CA THR A 528 -10.66 26.65 -30.22
C THR A 528 -9.44 25.88 -30.76
N PRO A 529 -9.68 24.85 -31.61
CA PRO A 529 -8.60 23.99 -32.11
C PRO A 529 -7.58 24.75 -32.95
N SER A 530 -6.30 24.55 -32.63
CA SER A 530 -5.19 25.19 -33.33
C SER A 530 -3.88 24.47 -33.03
N ASP A 531 -2.88 24.68 -33.88
CA ASP A 531 -1.55 24.11 -33.67
C ASP A 531 -0.85 24.74 -32.46
N SER A 532 -1.19 26.00 -32.18
CA SER A 532 -0.69 26.69 -30.99
C SER A 532 -1.20 26.02 -29.72
N LEU A 533 -2.48 25.62 -29.73
CA LEU A 533 -3.09 24.91 -28.59
C LEU A 533 -2.47 23.53 -28.37
N LYS A 534 -2.26 22.80 -29.46
CA LYS A 534 -1.63 21.48 -29.41
C LYS A 534 -0.24 21.55 -28.76
N ASN A 535 0.54 22.53 -29.19
CA ASN A 535 1.87 22.81 -28.62
C ASN A 535 1.81 23.09 -27.12
N GLU A 536 0.89 23.96 -26.72
CA GLU A 536 0.70 24.30 -25.31
C GLU A 536 0.26 23.10 -24.47
N LEU A 537 -0.56 22.24 -25.05
CA LEU A 537 -1.02 21.04 -24.35
C LEU A 537 0.12 20.03 -24.23
N GLN A 538 0.97 19.95 -25.25
CA GLN A 538 2.16 19.10 -25.19
C GLN A 538 3.14 19.59 -24.15
N ASP A 539 3.33 20.91 -24.11
CA ASP A 539 4.21 21.55 -23.14
C ASP A 539 3.70 21.39 -21.71
N HIS A 540 2.38 21.51 -21.53
CA HIS A 540 1.73 21.29 -20.24
C HIS A 540 1.97 19.89 -19.67
N VAL A 541 1.84 18.86 -20.51
CA VAL A 541 2.09 17.48 -20.06
C VAL A 541 3.55 17.29 -19.62
N LYS A 542 4.48 17.86 -20.37
CA LYS A 542 5.92 17.78 -20.05
C LYS A 542 6.29 18.52 -18.75
N ASN A 543 5.47 19.49 -18.35
CA ASN A 543 5.68 20.19 -17.08
C ASN A 543 5.09 19.45 -15.88
N VAL A 544 4.07 18.65 -16.13
CA VAL A 544 3.31 17.95 -15.08
C VAL A 544 3.86 16.55 -14.74
N THR A 545 4.33 15.84 -15.76
CA THR A 545 4.79 14.45 -15.58
C THR A 545 6.02 14.21 -16.46
N ALA A 546 6.75 13.13 -16.21
CA ALA A 546 7.96 12.84 -16.99
C ALA A 546 7.71 13.07 -18.49
N PRO A 547 8.54 13.92 -19.14
CA PRO A 547 8.26 14.44 -20.49
C PRO A 547 8.28 13.43 -21.64
N TYR A 548 8.79 12.23 -21.42
CA TYR A 548 8.77 11.22 -22.46
C TYR A 548 7.33 10.78 -22.80
N LYS A 549 6.40 11.10 -21.89
CA LYS A 549 4.96 10.77 -21.98
C LYS A 549 4.11 11.75 -22.81
N TYR A 550 4.70 12.83 -23.31
CA TYR A 550 3.93 13.84 -24.04
C TYR A 550 3.25 13.24 -25.28
N PRO A 551 2.02 13.70 -25.58
CA PRO A 551 1.31 13.21 -26.75
C PRO A 551 1.88 13.79 -28.04
N ARG A 552 2.37 12.93 -28.93
CA ARG A 552 2.98 13.39 -30.19
C ARG A 552 1.93 13.68 -31.27
N ILE A 553 0.78 13.04 -31.18
CA ILE A 553 -0.37 13.37 -32.00
C ILE A 553 -1.46 13.90 -31.07
N ILE A 554 -2.12 14.97 -31.48
CA ILE A 554 -3.31 15.46 -30.80
C ILE A 554 -4.44 15.67 -31.81
N GLU A 555 -5.57 15.00 -31.59
CA GLU A 555 -6.74 15.14 -32.44
C GLU A 555 -7.87 15.77 -31.65
N PHE A 556 -8.38 16.89 -32.15
CA PHE A 556 -9.53 17.53 -31.53
C PHE A 556 -10.81 17.00 -32.14
N VAL A 557 -11.70 16.51 -31.27
CA VAL A 557 -12.98 15.94 -31.71
C VAL A 557 -14.14 16.56 -30.95
N PRO A 558 -15.36 16.43 -31.50
CA PRO A 558 -16.63 16.82 -30.88
C PRO A 558 -17.07 15.79 -29.83
N GLU A 559 -16.68 14.53 -30.01
CA GLU A 559 -17.04 13.45 -29.09
C GLU A 559 -16.02 12.32 -29.11
N SER B 26 -9.59 15.73 35.62
CA SER B 26 -9.39 15.42 34.16
C SER B 26 -8.45 16.40 33.46
N LEU B 27 -7.98 15.99 32.29
CA LEU B 27 -7.07 16.79 31.48
C LEU B 27 -7.81 17.65 30.46
N LEU B 28 -9.13 17.49 30.38
CA LEU B 28 -9.93 18.15 29.36
C LEU B 28 -9.63 19.65 29.16
N SER B 29 -9.61 20.40 30.26
CA SER B 29 -9.47 21.86 30.21
C SER B 29 -8.17 22.30 29.55
N GLN B 30 -7.17 21.43 29.56
CA GLN B 30 -5.89 21.72 28.90
C GLN B 30 -5.97 21.75 27.37
N PHE B 31 -6.97 21.10 26.80
CA PHE B 31 -7.06 20.91 25.35
C PHE B 31 -8.20 21.68 24.67
N VAL B 32 -8.89 22.54 25.42
CA VAL B 32 -10.07 23.25 24.90
C VAL B 32 -10.05 24.73 25.29
N SER B 33 -10.69 25.56 24.47
CA SER B 33 -10.82 27.01 24.72
C SER B 33 -11.64 27.29 25.98
N LYS B 34 -12.60 26.39 26.25
CA LYS B 34 -13.54 26.51 27.34
C LYS B 34 -14.28 25.16 27.44
N THR B 35 -14.54 24.72 28.68
CA THR B 35 -15.09 23.36 28.92
C THR B 35 -16.62 23.27 28.82
N ASP B 36 -17.34 24.24 29.38
CA ASP B 36 -18.80 24.15 29.39
C ASP B 36 -19.44 25.32 28.68
N PHE B 37 -20.61 25.07 28.10
CA PHE B 37 -21.31 26.05 27.27
C PHE B 37 -22.80 26.10 27.64
N GLU B 38 -23.48 27.16 27.24
CA GLU B 38 -24.87 27.39 27.68
C GLU B 38 -25.91 27.04 26.62
N SER B 39 -25.43 26.72 25.42
CA SER B 39 -26.30 26.38 24.29
C SER B 39 -25.45 25.86 23.15
N TYR B 40 -26.12 25.24 22.17
CA TYR B 40 -25.48 24.81 20.94
C TYR B 40 -24.80 26.00 20.23
N GLU B 41 -25.46 27.16 20.21
CA GLU B 41 -24.91 28.34 19.54
C GLU B 41 -23.62 28.85 20.22
N ASP B 42 -23.62 28.84 21.55
CA ASP B 42 -22.46 29.16 22.36
C ASP B 42 -21.31 28.19 22.09
N PHE B 43 -21.65 26.90 22.04
CA PHE B 43 -20.73 25.79 21.73
C PHE B 43 -20.11 26.01 20.35
N GLN B 44 -20.94 26.30 19.34
CA GLN B 44 -20.46 26.59 17.98
C GLN B 44 -19.55 27.82 17.89
N GLU B 45 -19.94 28.89 18.59
CA GLU B 45 -19.18 30.13 18.53
C GLU B 45 -17.85 30.06 19.27
N ASN B 46 -17.81 29.32 20.38
CA ASN B 46 -16.70 29.46 21.34
C ASN B 46 -15.81 28.24 21.57
N PHE B 47 -16.20 27.08 21.05
CA PHE B 47 -15.39 25.87 21.25
C PHE B 47 -14.25 25.76 20.24
N LYS B 48 -13.04 25.51 20.74
CA LYS B 48 -11.86 25.22 19.93
C LYS B 48 -11.04 24.17 20.66
N ILE B 49 -10.56 23.18 19.91
CA ILE B 49 -9.57 22.26 20.45
C ILE B 49 -8.24 22.97 20.32
N LEU B 50 -7.45 22.93 21.38
CA LEU B 50 -6.13 23.52 21.40
C LEU B 50 -5.09 22.40 21.25
N VAL B 51 -4.49 22.29 20.07
CA VAL B 51 -3.57 21.19 19.77
C VAL B 51 -2.17 21.61 20.21
N PRO B 52 -1.55 20.86 21.14
CA PRO B 52 -0.18 21.12 21.60
C PRO B 52 0.82 20.93 20.46
N GLU B 53 2.01 21.52 20.58
CA GLU B 53 3.06 21.42 19.55
C GLU B 53 3.45 19.96 19.26
N ASN B 54 3.42 19.14 20.30
CA ASN B 54 3.61 17.70 20.18
C ASN B 54 2.67 16.97 21.13
N PHE B 55 1.80 16.14 20.56
CA PHE B 55 0.83 15.38 21.33
C PHE B 55 0.94 13.90 20.99
N ASN B 56 1.08 13.08 22.03
CA ASN B 56 1.00 11.63 21.89
C ASN B 56 0.06 11.16 23.00
N PHE B 57 -1.02 10.50 22.63
CA PHE B 57 -2.06 10.14 23.59
C PHE B 57 -1.55 9.34 24.79
N ALA B 58 -0.74 8.32 24.51
CA ALA B 58 -0.25 7.44 25.56
C ALA B 58 0.60 8.21 26.59
N TYR B 59 1.47 9.12 26.11
CA TYR B 59 2.34 9.88 27.00
C TYR B 59 1.66 11.09 27.65
N ASP B 60 0.84 11.78 26.87
CA ASP B 60 0.27 13.05 27.32
C ASP B 60 -1.09 12.93 28.00
N VAL B 61 -1.65 11.72 28.01
CA VAL B 61 -2.88 11.47 28.74
C VAL B 61 -2.66 10.36 29.78
N VAL B 62 -2.47 9.13 29.32
CA VAL B 62 -2.36 7.98 30.21
C VAL B 62 -1.20 8.13 31.23
N ASP B 63 0.01 8.42 30.74
CA ASP B 63 1.18 8.54 31.63
C ASP B 63 1.10 9.74 32.57
N VAL B 64 0.44 10.81 32.12
CA VAL B 64 0.20 11.99 32.97
C VAL B 64 -0.70 11.63 34.17
N TYR B 65 -1.83 10.98 33.90
CA TYR B 65 -2.69 10.46 34.97
C TYR B 65 -1.91 9.50 35.89
N ALA B 66 -1.11 8.61 35.29
CA ALA B 66 -0.32 7.62 36.06
C ALA B 66 0.56 8.29 37.12
N ARG B 67 1.12 9.44 36.78
CA ARG B 67 1.97 10.21 37.69
C ARG B 67 1.20 11.11 38.64
N ASP B 68 0.20 11.83 38.11
CA ASP B 68 -0.47 12.87 38.87
C ASP B 68 -1.67 12.37 39.65
N SER B 69 -2.33 11.33 39.13
CA SER B 69 -3.49 10.73 39.77
C SER B 69 -3.41 9.22 39.61
N PRO B 70 -2.36 8.58 40.19
CA PRO B 70 -2.06 7.16 39.94
C PRO B 70 -3.22 6.21 40.22
N GLU B 71 -4.01 6.50 41.23
CA GLU B 71 -5.10 5.62 41.66
C GLU B 71 -6.43 5.89 40.93
N LYS B 72 -6.48 6.93 40.10
CA LYS B 72 -7.67 7.22 39.31
C LYS B 72 -8.02 6.03 38.42
N LEU B 73 -9.29 5.65 38.44
CA LEU B 73 -9.80 4.53 37.65
C LEU B 73 -9.79 4.85 36.16
N ALA B 74 -9.23 3.93 35.37
CA ALA B 74 -9.26 4.03 33.90
C ALA B 74 -10.27 3.06 33.25
N MET B 75 -10.31 1.83 33.74
CA MET B 75 -11.09 0.77 33.08
C MET B 75 -11.55 -0.28 34.07
N ILE B 76 -12.84 -0.62 34.00
CA ILE B 76 -13.36 -1.82 34.67
C ILE B 76 -13.55 -2.90 33.58
N TRP B 77 -12.83 -4.00 33.70
CA TRP B 77 -12.96 -5.08 32.73
C TRP B 77 -13.56 -6.32 33.40
N CYS B 78 -14.42 -7.03 32.68
CA CYS B 78 -14.97 -8.28 33.17
C CYS B 78 -15.35 -9.26 32.07
N ASP B 79 -15.61 -10.49 32.52
CA ASP B 79 -15.91 -11.71 31.74
C ASP B 79 -17.32 -12.24 31.96
N ASP B 80 -17.68 -13.23 31.15
CA ASP B 80 -18.81 -14.12 31.41
C ASP B 80 -18.38 -15.34 32.25
N TYR B 81 -17.21 -15.22 32.90
CA TYR B 81 -16.65 -16.28 33.74
C TYR B 81 -16.27 -15.75 35.11
N GLY B 82 -16.88 -14.64 35.52
CA GLY B 82 -16.63 -14.08 36.84
C GLY B 82 -15.26 -13.46 37.03
N ASN B 83 -14.48 -13.40 35.95
CA ASN B 83 -13.20 -12.68 35.94
C ASN B 83 -13.43 -11.18 35.88
N GLU B 84 -12.64 -10.46 36.67
CA GLU B 84 -12.76 -9.02 36.84
C GLU B 84 -11.37 -8.43 36.97
N LYS B 85 -11.12 -7.33 36.26
CA LYS B 85 -9.86 -6.63 36.38
C LYS B 85 -10.15 -5.14 36.44
N ILE B 86 -9.68 -4.50 37.50
CA ILE B 86 -9.86 -3.07 37.71
C ILE B 86 -8.53 -2.39 37.40
N PHE B 87 -8.50 -1.55 36.36
CA PHE B 87 -7.26 -0.85 35.98
C PHE B 87 -7.28 0.62 36.37
N THR B 88 -6.23 1.05 37.06
CA THR B 88 -5.95 2.46 37.26
C THR B 88 -5.08 2.93 36.10
N PHE B 89 -4.88 4.24 35.97
CA PHE B 89 -3.93 4.75 34.98
C PHE B 89 -2.48 4.38 35.26
N LYS B 90 -2.13 4.22 36.54
CA LYS B 90 -0.82 3.67 36.92
C LYS B 90 -0.62 2.27 36.34
N ASP B 91 -1.65 1.41 36.47
CA ASP B 91 -1.63 0.07 35.89
C ASP B 91 -1.41 0.11 34.38
N LEU B 92 -2.10 1.02 33.70
CA LEU B 92 -2.03 1.09 32.24
C LEU B 92 -0.70 1.64 31.74
N LYS B 93 -0.11 2.59 32.45
CA LYS B 93 1.26 2.99 32.15
C LYS B 93 2.23 1.80 32.24
N TYR B 94 2.15 1.09 33.37
CA TYR B 94 2.98 -0.08 33.64
C TYR B 94 2.92 -1.13 32.51
N TYR B 95 1.70 -1.59 32.18
CA TYR B 95 1.53 -2.61 31.15
C TYR B 95 1.74 -2.14 29.70
N SER B 96 1.51 -0.86 29.43
CA SER B 96 1.82 -0.31 28.10
C SER B 96 3.33 -0.07 27.88
N ASP B 97 4.05 0.27 28.95
CA ASP B 97 5.52 0.30 28.89
C ASP B 97 6.08 -1.10 28.62
N LYS B 98 5.58 -2.09 29.34
CA LYS B 98 5.94 -3.50 29.11
C LYS B 98 5.59 -3.95 27.69
N ALA B 99 4.41 -3.57 27.22
CA ALA B 99 3.94 -3.86 25.85
C ALA B 99 4.86 -3.23 24.81
N ALA B 100 5.26 -1.97 25.03
CA ALA B 100 6.23 -1.33 24.14
C ALA B 100 7.53 -2.12 24.03
N ASN B 101 8.05 -2.58 25.15
CA ASN B 101 9.26 -3.40 25.15
C ASN B 101 9.07 -4.75 24.46
N PHE B 102 7.90 -5.36 24.66
CA PHE B 102 7.55 -6.60 23.96
C PHE B 102 7.66 -6.40 22.45
N PHE B 103 7.04 -5.33 21.95
CA PHE B 103 7.09 -5.01 20.52
C PHE B 103 8.51 -4.76 20.01
N VAL B 104 9.29 -3.98 20.74
CA VAL B 104 10.70 -3.74 20.40
C VAL B 104 11.48 -5.06 20.28
N LYS B 105 11.30 -5.94 21.26
CA LYS B 105 11.93 -7.26 21.30
C LYS B 105 11.74 -8.02 19.98
N HIS B 106 10.57 -7.86 19.37
CA HIS B 106 10.24 -8.58 18.15
C HIS B 106 10.43 -7.73 16.87
N GLY B 107 11.24 -6.69 16.99
CA GLY B 107 11.64 -5.87 15.84
C GLY B 107 10.63 -4.83 15.37
N ILE B 108 9.61 -4.57 16.17
CA ILE B 108 8.60 -3.58 15.83
C ILE B 108 9.14 -2.18 16.19
N GLY B 109 9.02 -1.25 15.26
CA GLY B 109 9.49 0.12 15.47
C GLY B 109 8.55 1.14 14.87
N LYS B 110 9.00 2.39 14.84
CA LYS B 110 8.19 3.50 14.35
C LYS B 110 7.71 3.23 12.92
N GLY B 111 6.41 3.45 12.67
CA GLY B 111 5.85 3.27 11.32
C GLY B 111 5.45 1.85 10.92
N ASP B 112 5.77 0.85 11.75
CA ASP B 112 5.42 -0.54 11.46
C ASP B 112 3.94 -0.79 11.76
N TYR B 113 3.26 -1.52 10.86
CA TYR B 113 1.84 -1.81 11.00
C TYR B 113 1.66 -3.10 11.77
N VAL B 114 0.87 -3.04 12.84
CA VAL B 114 0.61 -4.19 13.68
C VAL B 114 -0.91 -4.36 13.79
N MET B 115 -1.42 -5.50 13.33
CA MET B 115 -2.84 -5.79 13.43
C MET B 115 -3.22 -6.43 14.78
N LEU B 116 -4.33 -5.96 15.32
CA LEU B 116 -4.82 -6.41 16.61
C LEU B 116 -6.21 -7.01 16.42
N THR B 117 -6.33 -8.30 16.72
CA THR B 117 -7.61 -9.00 16.60
C THR B 117 -7.94 -9.56 17.97
N LEU B 118 -8.40 -8.67 18.84
CA LEU B 118 -8.41 -8.95 20.27
C LEU B 118 -9.78 -8.88 20.96
N LYS B 119 -10.84 -8.77 20.17
CA LYS B 119 -12.22 -8.67 20.69
C LYS B 119 -12.28 -7.63 21.80
N SER B 120 -12.70 -8.00 23.00
CA SER B 120 -12.59 -7.06 24.12
C SER B 120 -11.68 -7.53 25.26
N ARG B 121 -10.66 -8.33 24.94
CA ARG B 121 -9.60 -8.67 25.89
C ARG B 121 -8.98 -7.37 26.30
N TYR B 122 -8.68 -7.25 27.60
CA TYR B 122 -8.04 -6.03 28.13
C TYR B 122 -6.67 -5.78 27.50
N ASP B 123 -6.07 -6.84 26.96
CA ASP B 123 -4.81 -6.77 26.22
C ASP B 123 -4.87 -5.81 25.03
N PHE B 124 -6.05 -5.62 24.47
CA PHE B 124 -6.20 -4.64 23.38
C PHE B 124 -5.74 -3.25 23.83
N TRP B 125 -6.09 -2.88 25.06
CA TRP B 125 -5.73 -1.57 25.59
C TRP B 125 -4.22 -1.47 25.86
N TYR B 126 -3.62 -2.54 26.37
CA TYR B 126 -2.15 -2.65 26.50
C TYR B 126 -1.46 -2.43 25.17
N CYS B 127 -1.93 -3.14 24.14
CA CYS B 127 -1.28 -3.11 22.83
C CYS B 127 -1.41 -1.77 22.14
N MET B 128 -2.63 -1.22 22.14
CA MET B 128 -2.85 0.10 21.54
C MET B 128 -1.86 1.12 22.15
N LEU B 129 -1.84 1.19 23.48
CA LEU B 129 -1.01 2.19 24.17
C LEU B 129 0.47 1.93 23.95
N GLY B 130 0.88 0.66 23.99
CA GLY B 130 2.27 0.29 23.70
C GLY B 130 2.70 0.71 22.30
N LEU B 131 1.84 0.47 21.32
CA LEU B 131 2.13 0.86 19.94
C LEU B 131 2.18 2.39 19.77
N HIS B 132 1.26 3.09 20.41
CA HIS B 132 1.29 4.57 20.45
C HIS B 132 2.62 5.10 21.01
N LYS B 133 3.10 4.51 22.09
CA LYS B 133 4.35 4.90 22.74
C LYS B 133 5.56 4.69 21.85
N LEU B 134 5.51 3.60 21.08
CA LEU B 134 6.58 3.24 20.18
C LEU B 134 6.52 4.02 18.86
N GLY B 135 5.37 4.61 18.55
CA GLY B 135 5.19 5.23 17.23
C GLY B 135 4.93 4.21 16.13
N ALA B 136 4.62 2.98 16.51
CA ALA B 136 4.15 1.97 15.54
C ALA B 136 2.70 2.29 15.20
N ILE B 137 2.12 1.54 14.26
CA ILE B 137 0.77 1.84 13.76
C ILE B 137 -0.17 0.67 14.10
N ALA B 138 -1.20 0.94 14.90
CA ALA B 138 -2.15 -0.08 15.31
C ALA B 138 -3.24 -0.26 14.27
N VAL B 139 -3.54 -1.51 13.92
CA VAL B 139 -4.61 -1.83 12.96
C VAL B 139 -5.59 -2.78 13.63
N PRO B 140 -6.61 -2.24 14.34
CA PRO B 140 -7.59 -3.15 14.92
C PRO B 140 -8.40 -3.83 13.82
N ALA B 141 -8.79 -5.08 14.06
CA ALA B 141 -9.56 -5.87 13.12
C ALA B 141 -10.51 -6.80 13.87
N THR B 142 -11.63 -7.11 13.24
CA THR B 142 -12.62 -7.99 13.86
C THR B 142 -12.10 -9.42 13.90
N HIS B 143 -12.49 -10.13 14.95
CA HIS B 143 -12.19 -11.55 15.05
C HIS B 143 -12.92 -12.36 13.98
N MET B 144 -13.90 -11.75 13.31
CA MET B 144 -14.68 -12.46 12.29
C MET B 144 -13.99 -12.61 10.93
N LEU B 145 -12.78 -12.06 10.78
CA LEU B 145 -12.07 -12.13 9.48
C LEU B 145 -11.71 -13.56 9.06
N LYS B 146 -11.87 -13.84 7.78
CA LYS B 146 -11.50 -15.12 7.22
C LYS B 146 -10.16 -15.01 6.51
N THR B 147 -9.59 -16.15 6.14
CA THR B 147 -8.29 -16.23 5.51
C THR B 147 -8.04 -15.18 4.41
N ARG B 148 -8.95 -15.07 3.45
CA ARG B 148 -8.72 -14.12 2.34
C ARG B 148 -8.75 -12.67 2.79
N ASP B 149 -9.58 -12.35 3.79
CA ASP B 149 -9.60 -11.04 4.45
C ASP B 149 -8.24 -10.71 5.08
N ILE B 150 -7.65 -11.69 5.75
CA ILE B 150 -6.37 -11.50 6.45
C ILE B 150 -5.21 -11.34 5.45
N VAL B 151 -5.19 -12.18 4.40
CA VAL B 151 -4.23 -12.07 3.28
C VAL B 151 -4.26 -10.63 2.72
N TYR B 152 -5.47 -10.18 2.38
CA TYR B 152 -5.67 -8.84 1.87
C TYR B 152 -5.03 -7.77 2.79
N ARG B 153 -5.29 -7.89 4.09
CA ARG B 153 -4.77 -6.91 5.07
C ARG B 153 -3.26 -7.01 5.29
N ILE B 154 -2.72 -8.23 5.32
CA ILE B 154 -1.25 -8.41 5.37
C ILE B 154 -0.61 -7.65 4.21
N GLU B 155 -1.13 -7.88 3.00
CA GLU B 155 -0.60 -7.31 1.77
C GLU B 155 -0.82 -5.81 1.58
N LYS B 156 -2.01 -5.32 1.93
CA LYS B 156 -2.34 -3.90 1.78
C LYS B 156 -1.56 -3.03 2.77
N ALA B 157 -1.51 -3.48 4.02
CA ALA B 157 -0.82 -2.77 5.10
C ALA B 157 0.69 -3.00 5.19
N GLY B 158 1.17 -4.14 4.66
CA GLY B 158 2.54 -4.58 4.93
C GLY B 158 2.70 -4.91 6.41
N LEU B 159 1.74 -5.65 6.96
CA LEU B 159 1.74 -6.00 8.38
C LEU B 159 3.04 -6.69 8.78
N LYS B 160 3.61 -6.25 9.89
CA LYS B 160 4.84 -6.84 10.41
C LYS B 160 4.53 -7.80 11.55
N MET B 161 3.36 -7.61 12.18
CA MET B 161 2.91 -8.45 13.27
C MET B 161 1.37 -8.52 13.34
N ILE B 162 0.87 -9.66 13.80
CA ILE B 162 -0.53 -9.85 14.14
C ILE B 162 -0.58 -10.31 15.61
N VAL B 163 -1.38 -9.61 16.42
CA VAL B 163 -1.65 -10.04 17.79
C VAL B 163 -3.14 -10.41 17.87
N CYS B 164 -3.44 -11.67 18.18
CA CYS B 164 -4.84 -12.11 18.14
C CYS B 164 -5.20 -13.01 19.31
N ILE B 165 -6.50 -13.20 19.53
CA ILE B 165 -7.00 -14.17 20.50
C ILE B 165 -6.66 -15.59 20.06
N ALA B 166 -6.55 -16.50 21.01
CA ALA B 166 -6.30 -17.89 20.68
C ALA B 166 -7.60 -18.54 20.24
N GLU B 167 -8.72 -17.90 20.57
CA GLU B 167 -10.05 -18.50 20.39
C GLU B 167 -10.58 -18.28 18.98
N ASP B 168 -11.78 -18.81 18.72
CA ASP B 168 -12.52 -18.57 17.47
C ASP B 168 -11.76 -18.99 16.20
N ASP B 169 -10.81 -19.90 16.35
CA ASP B 169 -9.96 -20.35 15.23
C ASP B 169 -9.24 -19.24 14.48
N VAL B 170 -8.97 -18.14 15.19
CA VAL B 170 -8.26 -17.00 14.58
C VAL B 170 -6.81 -17.37 14.21
N PRO B 171 -6.04 -17.96 15.16
CA PRO B 171 -4.66 -18.29 14.78
C PRO B 171 -4.61 -19.21 13.56
N GLU B 172 -5.58 -20.10 13.43
CA GLU B 172 -5.64 -20.99 12.28
C GLU B 172 -5.91 -20.20 10.98
N GLN B 173 -6.80 -19.22 11.04
CA GLN B 173 -7.06 -18.36 9.87
C GLN B 173 -5.81 -17.54 9.50
N VAL B 174 -5.14 -17.00 10.52
CA VAL B 174 -3.88 -16.28 10.33
C VAL B 174 -2.81 -17.17 9.68
N ASP B 175 -2.63 -18.39 10.20
CA ASP B 175 -1.65 -19.34 9.66
C ASP B 175 -1.90 -19.69 8.20
N GLU B 176 -3.18 -19.91 7.87
CA GLU B 176 -3.63 -20.13 6.51
C GLU B 176 -3.28 -18.92 5.63
N ALA B 177 -3.54 -17.71 6.14
CA ALA B 177 -3.20 -16.49 5.42
C ALA B 177 -1.70 -16.35 5.21
N HIS B 178 -0.94 -16.67 6.26
CA HIS B 178 0.51 -16.61 6.21
C HIS B 178 1.06 -17.54 5.13
N ALA B 179 0.55 -18.77 5.11
CA ALA B 179 0.91 -19.76 4.09
C ALA B 179 0.65 -19.25 2.67
N GLU B 180 -0.52 -18.62 2.48
CA GLU B 180 -0.87 -17.96 1.22
C GLU B 180 0.19 -16.97 0.75
N CYS B 181 0.73 -16.20 1.70
CA CYS B 181 1.73 -15.18 1.41
C CYS B 181 3.14 -15.75 1.26
N GLY B 182 3.33 -16.99 1.69
CA GLY B 182 4.65 -17.63 1.68
C GLY B 182 5.42 -17.39 2.96
N ASP B 183 6.69 -17.79 2.97
CA ASP B 183 7.51 -17.76 4.17
C ASP B 183 8.06 -16.36 4.55
N ILE B 184 7.20 -15.36 4.45
CA ILE B 184 7.52 -14.00 4.92
C ILE B 184 7.69 -13.95 6.45
N PRO B 185 8.58 -13.08 6.95
CA PRO B 185 8.79 -12.88 8.39
C PRO B 185 7.66 -12.08 9.06
N LEU B 186 6.47 -12.65 9.10
CA LEU B 186 5.35 -12.08 9.81
C LEU B 186 5.42 -12.59 11.24
N LYS B 187 5.42 -11.68 12.22
CA LYS B 187 5.36 -12.07 13.63
C LYS B 187 3.92 -12.36 14.05
N LYS B 188 3.75 -13.45 14.77
CA LYS B 188 2.42 -13.90 15.15
C LYS B 188 2.42 -14.12 16.66
N ALA B 189 1.60 -13.33 17.36
CA ALA B 189 1.50 -13.41 18.80
C ALA B 189 0.06 -13.69 19.15
N LYS B 190 -0.17 -14.62 20.05
CA LYS B 190 -1.55 -14.89 20.45
C LYS B 190 -1.76 -14.67 21.95
N VAL B 191 -2.99 -14.29 22.27
CA VAL B 191 -3.42 -14.06 23.64
C VAL B 191 -4.23 -15.26 24.11
N GLY B 192 -3.63 -16.03 25.02
CA GLY B 192 -4.25 -17.26 25.54
C GLY B 192 -3.86 -18.49 24.78
N GLY B 193 -4.45 -19.63 25.15
CA GLY B 193 -4.25 -20.90 24.43
C GLY B 193 -2.94 -21.62 24.72
N ASP B 194 -2.80 -22.80 24.11
CA ASP B 194 -1.59 -23.64 24.25
C ASP B 194 -0.44 -23.05 23.45
N VAL B 195 0.77 -23.58 23.66
CA VAL B 195 1.90 -23.21 22.83
C VAL B 195 1.65 -23.71 21.40
N LEU B 196 1.79 -22.80 20.45
CA LEU B 196 1.64 -23.10 19.03
C LEU B 196 2.96 -22.88 18.31
N GLU B 197 3.35 -23.85 17.49
CA GLU B 197 4.60 -23.75 16.72
C GLU B 197 4.57 -22.50 15.85
N GLY B 198 5.59 -21.66 16.00
CA GLY B 198 5.73 -20.44 15.20
C GLY B 198 5.06 -19.22 15.80
N TRP B 199 4.44 -19.41 16.96
CA TRP B 199 3.64 -18.38 17.62
C TRP B 199 4.26 -17.89 18.92
N ILE B 200 4.17 -16.58 19.13
CA ILE B 200 4.57 -15.94 20.37
C ILE B 200 3.41 -16.02 21.35
N ASP B 201 3.71 -16.31 22.62
CA ASP B 201 2.71 -16.24 23.67
CA ASP B 201 2.74 -16.27 23.72
C ASP B 201 2.76 -14.84 24.26
N PHE B 202 1.77 -14.04 23.91
CA PHE B 202 1.80 -12.61 24.20
C PHE B 202 1.86 -12.29 25.69
N ARG B 203 0.99 -12.91 26.47
CA ARG B 203 0.89 -12.62 27.90
C ARG B 203 2.12 -13.02 28.68
N LYS B 204 2.65 -14.22 28.39
CA LYS B 204 3.90 -14.66 28.98
C LYS B 204 5.04 -13.68 28.67
N GLU B 205 5.26 -13.38 27.39
CA GLU B 205 6.35 -12.48 27.02
C GLU B 205 6.15 -11.06 27.55
N LEU B 206 4.89 -10.62 27.59
CA LEU B 206 4.53 -9.33 28.18
C LEU B 206 4.97 -9.25 29.65
N GLU B 207 4.61 -10.26 30.45
CA GLU B 207 5.04 -10.31 31.85
C GLU B 207 6.56 -10.32 32.00
N GLU B 208 7.25 -11.00 31.08
CA GLU B 208 8.70 -11.06 31.08
C GLU B 208 9.38 -9.74 30.67
N SER B 209 8.62 -8.84 30.04
CA SER B 209 9.14 -7.58 29.52
C SER B 209 9.37 -6.53 30.62
N SER B 210 10.42 -5.73 30.44
CA SER B 210 10.78 -4.68 31.40
C SER B 210 9.68 -3.61 31.45
N PRO B 211 9.32 -3.15 32.66
CA PRO B 211 8.37 -2.05 32.81
C PRO B 211 9.03 -0.69 32.57
N ILE B 212 10.31 -0.70 32.21
CA ILE B 212 11.01 0.54 31.89
C ILE B 212 11.20 0.62 30.39
N PHE B 213 10.36 1.44 29.77
CA PHE B 213 10.46 1.71 28.35
C PHE B 213 11.00 3.12 28.14
N GLU B 214 12.14 3.22 27.46
CA GLU B 214 12.73 4.52 27.18
C GLU B 214 11.96 5.17 26.03
N ARG B 215 11.34 6.31 26.31
CA ARG B 215 10.56 7.01 25.30
C ARG B 215 11.47 7.43 24.14
N PRO B 216 11.10 7.03 22.90
CA PRO B 216 11.84 7.47 21.72
C PRO B 216 11.94 9.00 21.63
N THR B 217 13.12 9.49 21.28
CA THR B 217 13.35 10.93 21.20
C THR B 217 13.99 11.32 19.87
N GLY B 218 14.10 12.63 19.64
CA GLY B 218 14.71 13.14 18.42
C GLY B 218 13.84 12.82 17.23
N GLU B 219 14.46 12.28 16.19
CA GLU B 219 13.74 11.99 14.94
C GLU B 219 12.87 10.75 15.04
N VAL B 220 13.19 9.86 15.99
CA VAL B 220 12.42 8.63 16.17
C VAL B 220 11.17 8.85 17.05
N SER B 221 11.05 10.04 17.63
CA SER B 221 9.85 10.39 18.42
C SER B 221 8.65 10.69 17.51
N THR B 222 7.45 10.48 18.04
CA THR B 222 6.24 10.77 17.28
C THR B 222 6.04 12.28 17.16
N LYS B 223 5.45 12.69 16.04
CA LYS B 223 5.04 14.05 15.81
C LYS B 223 3.52 14.03 15.59
N ASN B 224 2.87 15.19 15.75
CA ASN B 224 1.42 15.29 15.51
C ASN B 224 0.96 14.63 14.20
N GLU B 225 1.76 14.79 13.16
CA GLU B 225 1.40 14.38 11.80
C GLU B 225 1.61 12.88 11.55
N ASP B 226 2.33 12.19 12.45
CA ASP B 226 2.59 10.76 12.27
C ASP B 226 1.30 9.96 12.37
N ILE B 227 1.18 8.92 11.54
CA ILE B 227 0.08 7.98 11.65
C ILE B 227 0.24 7.13 12.91
N CYS B 228 -0.85 6.95 13.65
CA CYS B 228 -0.83 6.07 14.83
C CYS B 228 -1.89 4.97 14.80
N LEU B 229 -2.91 5.16 13.96
CA LEU B 229 -4.03 4.24 13.99
C LEU B 229 -4.65 4.12 12.60
N VAL B 230 -4.99 2.87 12.25
CA VAL B 230 -5.55 2.56 10.93
C VAL B 230 -6.72 1.58 11.03
N TYR B 231 -7.83 1.90 10.35
CA TYR B 231 -8.94 0.97 10.14
C TYR B 231 -9.16 0.71 8.69
N PHE B 232 -9.35 -0.56 8.36
CA PHE B 232 -9.82 -0.95 7.04
C PHE B 232 -11.30 -0.63 6.97
N SER B 233 -11.69 0.11 5.94
CA SER B 233 -13.08 0.53 5.76
C SER B 233 -13.55 0.31 4.33
N SER B 234 -14.75 -0.24 4.21
CA SER B 234 -15.33 -0.62 2.91
C SER B 234 -15.48 0.54 1.93
N GLY B 235 -15.20 0.26 0.67
CA GLY B 235 -15.40 1.23 -0.40
C GLY B 235 -16.46 0.72 -1.37
N THR B 236 -16.87 1.59 -2.28
CA THR B 236 -17.97 1.31 -3.19
C THR B 236 -17.59 0.32 -4.30
N ALA B 237 -16.29 0.30 -4.61
CA ALA B 237 -15.73 -0.64 -5.55
C ALA B 237 -14.53 -1.29 -4.86
N GLY B 238 -14.25 -2.53 -5.19
CA GLY B 238 -13.10 -3.22 -4.63
C GLY B 238 -13.13 -3.39 -3.11
N PHE B 239 -11.93 -3.57 -2.56
CA PHE B 239 -11.74 -4.03 -1.18
C PHE B 239 -11.48 -2.89 -0.21
N PRO B 240 -11.62 -3.15 1.10
CA PRO B 240 -11.55 -2.04 2.06
C PRO B 240 -10.28 -1.20 2.00
N LYS B 241 -10.45 0.10 2.19
CA LYS B 241 -9.35 1.05 2.15
C LYS B 241 -8.84 1.33 3.56
N MET B 242 -7.58 1.74 3.65
CA MET B 242 -6.94 2.01 4.94
C MET B 242 -7.17 3.44 5.38
N VAL B 243 -8.04 3.63 6.36
CA VAL B 243 -8.27 4.97 6.92
C VAL B 243 -7.18 5.23 7.93
N GLU B 244 -6.30 6.20 7.62
CA GLU B 244 -5.15 6.48 8.48
C GLU B 244 -5.33 7.77 9.28
N HIS B 245 -5.19 7.63 10.59
CA HIS B 245 -5.38 8.73 11.51
C HIS B 245 -4.07 9.14 12.16
N ASP B 246 -3.87 10.46 12.33
CA ASP B 246 -2.64 10.96 12.92
C ASP B 246 -2.73 11.01 14.46
N ASN B 247 -1.65 11.42 15.10
CA ASN B 247 -1.58 11.49 16.58
C ASN B 247 -2.52 12.50 17.27
N THR B 248 -3.10 13.43 16.51
CA THR B 248 -4.07 14.39 17.07
C THR B 248 -5.49 13.87 17.03
N TYR B 249 -5.72 12.77 16.32
CA TYR B 249 -7.04 12.17 16.24
C TYR B 249 -7.72 11.97 17.62
N PRO B 250 -6.99 11.38 18.59
CA PRO B 250 -7.56 11.21 19.94
C PRO B 250 -8.19 12.49 20.53
N LEU B 251 -7.59 13.65 20.23
CA LEU B 251 -8.13 14.94 20.68
C LEU B 251 -9.51 15.25 20.09
N GLY B 252 -9.78 14.78 18.87
CA GLY B 252 -11.07 15.02 18.21
C GLY B 252 -12.21 14.36 18.98
N HIS B 253 -11.90 13.24 19.63
CA HIS B 253 -12.87 12.53 20.45
C HIS B 253 -13.24 13.21 21.77
N ILE B 254 -12.60 14.33 22.08
CA ILE B 254 -13.14 15.26 23.09
C ILE B 254 -14.59 15.61 22.77
N LEU B 255 -14.87 15.85 21.50
CA LEU B 255 -16.23 16.21 21.04
C LEU B 255 -17.20 15.02 21.22
N THR B 256 -16.71 13.84 20.86
CA THR B 256 -17.49 12.61 21.00
C THR B 256 -17.88 12.29 22.44
N ALA B 257 -16.90 12.41 23.34
CA ALA B 257 -17.05 11.97 24.72
C ALA B 257 -17.64 13.05 25.63
N LYS B 258 -17.02 14.22 25.65
CA LYS B 258 -17.46 15.28 26.55
C LYS B 258 -18.79 15.90 26.11
N TYR B 259 -18.95 16.14 24.82
CA TYR B 259 -20.10 16.91 24.34
C TYR B 259 -21.23 16.08 23.80
N TRP B 260 -20.94 15.03 23.04
CA TRP B 260 -22.02 14.15 22.57
C TRP B 260 -22.46 13.19 23.67
N GLN B 261 -21.53 12.37 24.14
CA GLN B 261 -21.83 11.33 25.14
C GLN B 261 -22.07 11.92 26.53
N ASN B 262 -21.57 13.13 26.73
CA ASN B 262 -21.76 13.91 27.95
C ASN B 262 -21.22 13.16 29.17
N VAL B 263 -20.04 12.54 28.99
CA VAL B 263 -19.35 11.82 30.07
C VAL B 263 -18.89 12.78 31.18
N GLU B 264 -18.71 12.24 32.37
CA GLU B 264 -18.20 13.05 33.48
C GLU B 264 -16.91 12.45 34.02
N ASP B 265 -15.97 13.29 34.48
CA ASP B 265 -14.81 12.76 35.21
C ASP B 265 -15.49 12.20 36.42
N ASP B 266 -15.06 11.08 36.98
CA ASP B 266 -15.97 10.53 37.99
C ASP B 266 -16.62 9.27 37.45
N GLY B 267 -17.07 9.36 36.19
CA GLY B 267 -18.06 8.45 35.68
C GLY B 267 -17.52 7.13 35.20
N LEU B 268 -18.44 6.33 34.68
CA LEU B 268 -18.10 5.07 34.06
C LEU B 268 -18.89 5.01 32.75
N HIS B 269 -18.20 5.20 31.64
CA HIS B 269 -18.86 5.19 30.35
C HIS B 269 -18.83 3.82 29.70
N TYR B 270 -19.97 3.41 29.17
CA TYR B 270 -20.11 2.14 28.47
C TYR B 270 -20.58 2.33 27.03
N THR B 271 -19.67 2.13 26.07
CA THR B 271 -20.07 2.03 24.66
C THR B 271 -20.01 0.54 24.31
N VAL B 272 -21.08 0.02 23.73
CA VAL B 272 -21.09 -1.37 23.27
C VAL B 272 -20.45 -1.38 21.89
N ALA B 273 -19.20 -1.86 21.81
CA ALA B 273 -18.46 -1.91 20.55
C ALA B 273 -17.26 -2.87 20.66
N ASP B 274 -17.12 -3.74 19.68
CA ASP B 274 -15.94 -4.60 19.61
C ASP B 274 -14.70 -3.82 19.15
N SER B 275 -13.53 -4.15 19.71
CA SER B 275 -12.28 -3.49 19.33
C SER B 275 -11.90 -3.51 17.84
N GLY B 276 -12.58 -4.33 17.04
CA GLY B 276 -12.31 -4.42 15.62
C GLY B 276 -12.84 -3.25 14.82
N TRP B 277 -13.72 -2.46 15.46
CA TRP B 277 -14.44 -1.38 14.81
C TRP B 277 -14.08 -0.02 15.42
N GLY B 278 -14.11 1.01 14.57
CA GLY B 278 -13.87 2.38 14.96
C GLY B 278 -14.63 2.82 16.19
N LYS B 279 -15.86 2.33 16.34
CA LYS B 279 -16.68 2.74 17.50
C LYS B 279 -16.03 2.42 18.85
N CYS B 280 -15.22 1.36 18.91
CA CYS B 280 -14.47 1.07 20.13
C CYS B 280 -13.65 2.28 20.64
N VAL B 281 -12.90 2.94 19.75
CA VAL B 281 -12.07 4.09 20.18
C VAL B 281 -12.86 5.39 20.35
N TRP B 282 -14.06 5.43 19.76
CA TRP B 282 -15.03 6.52 19.98
C TRP B 282 -15.62 6.45 21.38
N GLY B 283 -15.67 5.25 21.95
CA GLY B 283 -16.44 5.02 23.18
C GLY B 283 -15.67 4.43 24.37
N LYS B 284 -14.49 3.86 24.11
CA LYS B 284 -13.80 3.05 25.13
C LYS B 284 -12.34 3.43 25.30
N LEU B 285 -11.98 4.64 24.88
CA LEU B 285 -10.58 5.04 24.92
C LEU B 285 -10.35 6.55 24.99
N TYR B 286 -10.12 7.20 23.85
CA TYR B 286 -9.47 8.51 23.83
C TYR B 286 -10.19 9.63 24.58
N GLY B 287 -11.38 9.99 24.10
CA GLY B 287 -12.09 11.14 24.63
C GLY B 287 -12.57 10.89 26.05
N GLN B 288 -12.93 9.64 26.35
CA GLN B 288 -13.36 9.28 27.71
C GLN B 288 -12.25 9.59 28.69
N TRP B 289 -11.04 9.14 28.37
CA TRP B 289 -9.92 9.31 29.27
C TRP B 289 -9.49 10.77 29.38
N ILE B 290 -9.47 11.49 28.26
CA ILE B 290 -9.21 12.95 28.30
C ILE B 290 -10.19 13.66 29.23
N ALA B 291 -11.45 13.25 29.20
CA ALA B 291 -12.48 13.86 30.05
C ALA B 291 -12.47 13.28 31.46
N GLY B 292 -11.56 12.35 31.71
CA GLY B 292 -11.34 11.81 33.05
C GLY B 292 -12.34 10.72 33.43
N CYS B 293 -13.03 10.18 32.43
CA CYS B 293 -14.07 9.18 32.68
C CYS B 293 -13.53 7.78 32.45
N ALA B 294 -13.80 6.88 33.39
CA ALA B 294 -13.43 5.47 33.25
C ALA B 294 -14.30 4.78 32.21
N VAL B 295 -13.78 3.69 31.63
CA VAL B 295 -14.55 2.94 30.64
C VAL B 295 -14.88 1.55 31.17
N PHE B 296 -16.08 1.08 30.80
CA PHE B 296 -16.54 -0.26 31.14
C PHE B 296 -16.39 -1.19 29.95
N VAL B 297 -15.71 -2.31 30.16
CA VAL B 297 -15.48 -3.30 29.11
C VAL B 297 -16.02 -4.64 29.59
N TYR B 298 -16.97 -5.18 28.85
CA TYR B 298 -17.58 -6.46 29.16
C TYR B 298 -17.29 -7.41 28.01
N ASP B 299 -16.28 -8.27 28.21
CA ASP B 299 -15.75 -9.12 27.15
C ASP B 299 -16.55 -10.43 27.09
N TYR B 300 -17.79 -10.34 26.63
CA TYR B 300 -18.64 -11.53 26.51
C TYR B 300 -18.49 -12.19 25.14
N ASP B 301 -18.96 -13.44 25.03
CA ASP B 301 -18.94 -14.18 23.76
C ASP B 301 -20.31 -14.17 23.09
N ARG B 302 -21.36 -14.30 23.89
CA ARG B 302 -22.72 -14.30 23.37
C ARG B 302 -23.49 -13.15 24.01
N PHE B 303 -24.00 -12.23 23.20
CA PHE B 303 -24.79 -11.13 23.72
C PHE B 303 -26.03 -11.66 24.41
N GLU B 304 -26.15 -11.35 25.69
CA GLU B 304 -27.38 -11.57 26.42
C GLU B 304 -27.77 -10.25 27.06
N ALA B 305 -28.94 -9.74 26.68
CA ALA B 305 -29.42 -8.44 27.13
C ALA B 305 -29.43 -8.33 28.64
N LYS B 306 -29.91 -9.39 29.30
CA LYS B 306 -30.01 -9.44 30.77
C LYS B 306 -28.65 -9.46 31.45
N ASN B 307 -27.69 -10.19 30.88
CA ASN B 307 -26.31 -10.18 31.34
C ASN B 307 -25.69 -8.78 31.25
N MET B 308 -25.89 -8.13 30.10
CA MET B 308 -25.34 -6.79 29.87
C MET B 308 -25.93 -5.80 30.88
N LEU B 309 -27.24 -5.89 31.06
CA LEU B 309 -27.95 -5.03 32.00
C LEU B 309 -27.51 -5.21 33.44
N GLU B 310 -27.35 -6.46 33.86
CA GLU B 310 -26.96 -6.74 35.25
C GLU B 310 -25.53 -6.30 35.55
N LYS B 311 -24.62 -6.59 34.64
CA LYS B 311 -23.23 -6.17 34.82
C LYS B 311 -23.08 -4.64 34.79
N ALA B 312 -23.70 -4.00 33.81
CA ALA B 312 -23.66 -2.54 33.72
C ALA B 312 -24.24 -1.84 34.98
N SER B 313 -25.36 -2.37 35.52
CA SER B 313 -25.97 -1.82 36.75
C SER B 313 -25.06 -2.05 37.97
N LYS B 314 -24.55 -3.26 38.11
CA LYS B 314 -23.69 -3.62 39.24
C LYS B 314 -22.42 -2.78 39.34
N TYR B 315 -21.77 -2.54 38.21
CA TYR B 315 -20.55 -1.73 38.20
C TYR B 315 -20.79 -0.21 38.25
N GLY B 316 -22.05 0.19 38.09
CA GLY B 316 -22.45 1.58 38.19
C GLY B 316 -22.14 2.42 36.96
N VAL B 317 -22.42 1.88 35.78
CA VAL B 317 -22.29 2.62 34.52
C VAL B 317 -23.13 3.90 34.58
N THR B 318 -22.53 5.03 34.22
CA THR B 318 -23.21 6.33 34.32
C THR B 318 -23.69 6.86 32.97
N THR B 319 -22.96 6.54 31.91
CA THR B 319 -23.33 6.97 30.57
C THR B 319 -23.15 5.82 29.59
N PHE B 320 -23.97 5.81 28.55
CA PHE B 320 -24.12 4.62 27.70
C PHE B 320 -24.22 5.00 26.24
N CYS B 321 -23.67 4.15 25.39
CA CYS B 321 -23.89 4.23 23.97
C CYS B 321 -24.06 2.83 23.42
N ALA B 322 -25.01 2.68 22.51
CA ALA B 322 -25.16 1.44 21.77
C ALA B 322 -25.86 1.73 20.47
N PRO B 323 -25.77 0.79 19.51
CA PRO B 323 -26.58 0.85 18.29
C PRO B 323 -28.03 0.56 18.63
N PRO B 324 -28.96 1.09 17.83
CA PRO B 324 -30.39 0.78 18.01
C PRO B 324 -30.71 -0.73 18.18
N THR B 325 -29.98 -1.62 17.52
CA THR B 325 -30.14 -3.08 17.67
C THR B 325 -29.96 -3.53 19.12
N ILE B 326 -28.88 -3.06 19.77
CA ILE B 326 -28.66 -3.37 21.18
C ILE B 326 -29.79 -2.80 22.05
N TYR B 327 -30.15 -1.54 21.85
CA TYR B 327 -31.29 -0.95 22.58
C TYR B 327 -32.60 -1.73 22.34
N ARG B 328 -32.73 -2.39 21.19
CA ARG B 328 -33.94 -3.17 20.90
C ARG B 328 -34.08 -4.33 21.90
N PHE B 329 -32.98 -5.07 22.11
CA PHE B 329 -32.97 -6.16 23.09
C PHE B 329 -33.12 -5.67 24.52
N LEU B 330 -32.39 -4.60 24.89
CA LEU B 330 -32.48 -4.02 26.24
C LEU B 330 -33.88 -3.63 26.64
N ILE B 331 -34.65 -3.08 25.69
CA ILE B 331 -36.01 -2.61 25.97
C ILE B 331 -37.04 -3.74 26.01
N LYS B 332 -36.67 -4.93 25.49
CA LYS B 332 -37.50 -6.13 25.64
C LYS B 332 -37.29 -6.74 27.02
N GLU B 333 -36.28 -6.25 27.74
CA GLU B 333 -36.08 -6.63 29.14
C GLU B 333 -36.80 -5.65 30.06
N ASP B 334 -37.08 -6.12 31.27
CA ASP B 334 -37.64 -5.28 32.30
C ASP B 334 -36.49 -4.41 32.83
N LEU B 335 -36.29 -3.25 32.20
CA LEU B 335 -35.23 -2.33 32.58
C LEU B 335 -35.36 -1.85 34.03
N SER B 336 -36.59 -1.73 34.51
CA SER B 336 -36.86 -1.29 35.88
C SER B 336 -36.40 -2.32 36.92
N HIS B 337 -36.39 -3.60 36.55
CA HIS B 337 -35.94 -4.69 37.44
C HIS B 337 -34.47 -4.55 37.78
N TYR B 338 -33.68 -4.11 36.80
CA TYR B 338 -32.28 -3.74 37.02
C TYR B 338 -32.29 -2.24 37.21
N ASN B 339 -32.92 -1.76 38.28
CA ASN B 339 -32.84 -0.34 38.62
C ASN B 339 -31.44 0.16 38.25
N PHE B 340 -31.31 0.52 36.97
CA PHE B 340 -30.12 1.13 36.40
C PHE B 340 -30.12 2.56 36.90
N SER B 341 -29.85 2.69 38.20
CA SER B 341 -29.96 3.94 38.94
C SER B 341 -28.92 4.97 38.56
N THR B 342 -27.75 4.49 38.13
CA THR B 342 -26.60 5.35 37.87
C THR B 342 -26.60 5.97 36.46
N LEU B 343 -27.37 5.38 35.54
CA LEU B 343 -27.47 5.87 34.16
C LEU B 343 -28.03 7.29 34.07
N LYS B 344 -27.20 8.19 33.58
CA LYS B 344 -27.53 9.61 33.58
C LYS B 344 -27.72 10.17 32.17
N TYR B 345 -27.15 9.48 31.17
CA TYR B 345 -27.17 9.95 29.79
C TYR B 345 -26.92 8.78 28.87
N ALA B 346 -27.67 8.72 27.76
CA ALA B 346 -27.48 7.67 26.77
C ALA B 346 -27.51 8.24 25.35
N VAL B 347 -26.58 7.75 24.53
CA VAL B 347 -26.51 8.15 23.14
C VAL B 347 -26.67 6.93 22.24
N VAL B 348 -26.91 7.19 20.97
CA VAL B 348 -27.18 6.13 20.03
C VAL B 348 -26.59 6.53 18.68
N ALA B 349 -26.08 5.53 17.96
CA ALA B 349 -25.55 5.73 16.61
C ALA B 349 -25.44 4.41 15.89
N GLY B 350 -25.46 4.45 14.55
CA GLY B 350 -25.13 3.27 13.73
C GLY B 350 -26.21 2.75 12.81
N GLU B 351 -27.46 2.85 13.23
CA GLU B 351 -28.60 2.35 12.44
C GLU B 351 -29.71 3.39 12.57
N PRO B 352 -30.77 3.30 11.73
CA PRO B 352 -31.89 4.22 11.85
C PRO B 352 -32.55 4.12 13.21
N LEU B 353 -32.75 5.27 13.84
CA LEU B 353 -33.45 5.32 15.12
C LEU B 353 -34.94 5.47 14.89
N ASN B 354 -35.67 4.38 15.13
CA ASN B 354 -37.12 4.41 15.13
C ASN B 354 -37.56 5.12 16.41
N PRO B 355 -38.44 6.13 16.28
CA PRO B 355 -38.98 6.83 17.44
C PRO B 355 -39.55 5.91 18.53
N GLU B 356 -40.01 4.71 18.15
CA GLU B 356 -40.54 3.73 19.10
C GLU B 356 -39.47 3.21 20.06
N VAL B 357 -38.25 3.03 19.54
CA VAL B 357 -37.09 2.68 20.37
C VAL B 357 -36.79 3.83 21.35
N PHE B 358 -36.80 5.05 20.82
CA PHE B 358 -36.63 6.27 21.60
C PHE B 358 -37.67 6.35 22.74
N ASN B 359 -38.95 6.24 22.39
CA ASN B 359 -40.03 6.32 23.37
C ASN B 359 -40.00 5.23 24.45
N ARG B 360 -39.86 3.97 24.03
CA ARG B 360 -39.83 2.86 24.98
C ARG B 360 -38.67 2.99 25.96
N PHE B 361 -37.51 3.40 25.45
CA PHE B 361 -36.35 3.65 26.32
C PHE B 361 -36.59 4.81 27.31
N LEU B 362 -37.08 5.92 26.80
CA LEU B 362 -37.44 7.06 27.62
C LEU B 362 -38.51 6.74 28.68
N GLU B 363 -39.50 5.94 28.30
CA GLU B 363 -40.58 5.54 29.22
C GLU B 363 -40.11 4.61 30.35
N PHE B 364 -39.09 3.80 30.07
CA PHE B 364 -38.45 2.96 31.07
C PHE B 364 -37.51 3.75 31.98
N THR B 365 -36.80 4.72 31.41
CA THR B 365 -35.61 5.27 32.09
C THR B 365 -35.65 6.75 32.45
N GLY B 366 -36.47 7.53 31.76
CA GLY B 366 -36.45 8.99 31.91
C GLY B 366 -35.34 9.67 31.11
N ILE B 367 -34.63 8.87 30.32
CA ILE B 367 -33.49 9.32 29.48
C ILE B 367 -33.84 9.35 27.99
N LYS B 368 -33.54 10.47 27.34
CA LYS B 368 -33.69 10.65 25.90
C LYS B 368 -32.46 10.21 25.14
N LEU B 369 -32.63 9.26 24.21
CA LEU B 369 -31.56 8.79 23.36
C LEU B 369 -31.12 9.89 22.39
N MET B 370 -29.87 10.31 22.51
CA MET B 370 -29.39 11.47 21.77
C MET B 370 -28.53 10.95 20.63
N GLU B 371 -29.04 11.03 19.41
CA GLU B 371 -28.37 10.41 18.28
C GLU B 371 -27.19 11.24 17.79
N GLY B 372 -26.13 10.55 17.39
CA GLY B 372 -24.97 11.18 16.77
C GLY B 372 -24.54 10.41 15.54
N PHE B 373 -23.59 10.97 14.80
CA PHE B 373 -23.25 10.47 13.47
C PHE B 373 -21.79 10.74 13.13
N GLY B 374 -21.21 9.83 12.36
CA GLY B 374 -19.89 10.07 11.79
C GLY B 374 -19.47 8.86 10.99
N GLN B 375 -18.16 8.69 10.89
CA GLN B 375 -17.58 7.77 9.92
C GLN B 375 -16.24 7.30 10.46
N THR B 376 -15.73 6.17 9.97
CA THR B 376 -14.37 5.74 10.29
C THR B 376 -13.35 6.88 10.11
N GLU B 377 -13.50 7.65 9.03
CA GLU B 377 -12.62 8.77 8.69
C GLU B 377 -12.71 9.95 9.65
N THR B 378 -13.71 9.97 10.52
CA THR B 378 -13.93 11.18 11.34
C THR B 378 -14.14 10.88 12.81
N VAL B 379 -14.35 11.92 13.61
CA VAL B 379 -14.97 11.77 14.93
C VAL B 379 -16.48 12.07 14.74
N VAL B 380 -17.21 12.37 15.80
CA VAL B 380 -18.63 12.70 15.66
C VAL B 380 -18.74 14.05 14.90
N THR B 381 -19.44 14.05 13.76
CA THR B 381 -19.47 15.22 12.87
C THR B 381 -20.80 15.92 12.89
N ILE B 382 -21.85 15.15 13.19
CA ILE B 382 -23.21 15.66 13.33
C ILE B 382 -23.80 14.93 14.53
N ALA B 383 -24.39 15.68 15.45
CA ALA B 383 -24.92 15.05 16.66
C ALA B 383 -26.02 15.86 17.33
N THR B 384 -26.82 15.17 18.13
CA THR B 384 -27.77 15.82 19.02
C THR B 384 -27.02 16.07 20.32
N PHE B 385 -26.64 17.34 20.50
CA PHE B 385 -25.87 17.78 21.66
C PHE B 385 -26.81 18.09 22.85
N PRO B 386 -26.25 18.19 24.06
CA PRO B 386 -27.08 18.22 25.26
C PRO B 386 -28.05 19.40 25.38
N TRP B 387 -27.75 20.53 24.72
CA TRP B 387 -28.62 21.72 24.74
C TRP B 387 -29.76 21.62 23.71
N MET B 388 -29.72 20.57 22.89
CA MET B 388 -30.72 20.36 21.83
C MET B 388 -31.82 19.38 22.25
N GLU B 389 -33.07 19.72 21.93
CA GLU B 389 -34.16 18.74 22.02
C GLU B 389 -34.00 17.79 20.83
N PRO B 390 -33.96 16.48 21.09
CA PRO B 390 -33.81 15.51 20.01
C PRO B 390 -35.03 15.47 19.10
N LYS B 391 -34.79 15.26 17.81
CA LYS B 391 -35.85 14.84 16.89
C LYS B 391 -35.59 13.39 16.58
N PRO B 392 -36.38 12.47 17.18
CA PRO B 392 -36.11 11.05 17.01
C PRO B 392 -36.05 10.68 15.52
N GLY B 393 -34.91 10.16 15.08
CA GLY B 393 -34.71 9.83 13.68
C GLY B 393 -33.67 10.72 13.03
N SER B 394 -33.51 11.93 13.58
CA SER B 394 -32.56 12.91 13.08
C SER B 394 -31.21 12.83 13.80
N ILE B 395 -30.13 12.91 13.02
CA ILE B 395 -28.78 12.87 13.56
C ILE B 395 -28.32 14.18 14.20
N GLY B 396 -29.11 15.25 14.06
CA GLY B 396 -28.87 16.49 14.79
C GLY B 396 -28.18 17.58 13.97
N LYS B 397 -27.22 18.26 14.58
CA LYS B 397 -26.58 19.41 13.98
C LYS B 397 -25.06 19.26 13.99
N PRO B 398 -24.38 19.98 13.06
CA PRO B 398 -22.92 19.82 12.90
C PRO B 398 -22.10 20.11 14.17
N THR B 399 -21.05 19.33 14.33
CA THR B 399 -20.06 19.48 15.40
C THR B 399 -19.20 20.70 15.13
N PRO B 400 -18.96 21.55 16.17
CA PRO B 400 -18.03 22.68 16.02
C PRO B 400 -16.69 22.25 15.43
N GLY B 401 -16.19 23.04 14.49
CA GLY B 401 -14.92 22.74 13.84
C GLY B 401 -15.07 21.93 12.56
N TYR B 402 -16.24 21.34 12.36
CA TYR B 402 -16.55 20.59 11.15
C TYR B 402 -17.51 21.41 10.31
N LYS B 403 -16.98 22.00 9.24
CA LYS B 403 -17.76 22.78 8.31
C LYS B 403 -18.52 21.83 7.39
N ILE B 404 -19.65 21.34 7.92
CA ILE B 404 -20.53 20.41 7.21
C ILE B 404 -21.39 21.16 6.21
N GLU B 405 -21.38 20.66 4.98
CA GLU B 405 -22.27 21.17 3.94
CA GLU B 405 -22.25 21.17 3.93
C GLU B 405 -22.91 19.99 3.21
N LEU B 406 -23.98 20.26 2.48
CA LEU B 406 -24.64 19.27 1.64
C LEU B 406 -24.42 19.67 0.20
N MET B 407 -23.82 18.77 -0.57
CA MET B 407 -23.39 19.11 -1.92
C MET B 407 -24.12 18.24 -2.94
N ASP B 408 -24.64 18.87 -3.98
CA ASP B 408 -25.32 18.12 -5.04
C ASP B 408 -24.32 17.60 -6.08
N ARG B 409 -24.84 16.99 -7.15
CA ARG B 409 -24.01 16.32 -8.16
C ARG B 409 -23.17 17.28 -9.00
N ASP B 410 -23.56 18.56 -9.01
CA ASP B 410 -22.86 19.57 -9.82
C ASP B 410 -21.82 20.36 -9.00
N GLY B 411 -21.55 19.92 -7.78
CA GLY B 411 -20.64 20.63 -6.88
C GLY B 411 -21.24 21.87 -6.25
N ARG B 412 -22.55 22.06 -6.43
CA ARG B 412 -23.23 23.19 -5.81
C ARG B 412 -23.80 22.79 -4.47
N LEU B 413 -23.98 23.75 -3.57
CA LEU B 413 -24.49 23.43 -2.25
C LEU B 413 -26.01 23.35 -2.26
N CYS B 414 -26.57 22.64 -1.30
CA CYS B 414 -27.99 22.39 -1.22
C CYS B 414 -28.65 23.32 -0.23
N GLU B 415 -29.87 23.76 -0.53
CA GLU B 415 -30.65 24.54 0.43
C GLU B 415 -31.51 23.63 1.31
N VAL B 416 -32.09 24.22 2.35
CA VAL B 416 -33.00 23.53 3.26
C VAL B 416 -34.00 22.70 2.48
N GLY B 417 -34.14 21.43 2.86
CA GLY B 417 -35.13 20.58 2.24
C GLY B 417 -34.69 19.78 1.03
N GLU B 418 -33.45 19.95 0.59
CA GLU B 418 -32.97 19.11 -0.53
C GLU B 418 -31.84 18.18 -0.14
N GLU B 419 -31.91 16.98 -0.70
CA GLU B 419 -30.93 15.93 -0.45
C GLU B 419 -29.62 16.23 -1.16
N GLY B 420 -28.53 16.00 -0.46
CA GLY B 420 -27.20 16.17 -1.01
C GLY B 420 -26.23 15.31 -0.22
N GLU B 421 -25.00 15.25 -0.70
CA GLU B 421 -23.94 14.52 -0.01
C GLU B 421 -23.36 15.35 1.12
N ILE B 422 -23.23 14.74 2.30
CA ILE B 422 -22.55 15.38 3.40
C ILE B 422 -21.08 15.50 3.01
N VAL B 423 -20.59 16.73 3.00
CA VAL B 423 -19.19 17.02 2.68
C VAL B 423 -18.59 17.86 3.80
N ILE B 424 -17.27 17.82 3.92
CA ILE B 424 -16.57 18.60 4.94
C ILE B 424 -15.64 19.59 4.23
N ASN B 425 -15.92 20.88 4.43
CA ASN B 425 -15.06 21.95 3.92
C ASN B 425 -13.74 22.00 4.70
N THR B 426 -12.64 21.68 4.02
CA THR B 426 -11.31 21.69 4.64
C THR B 426 -10.39 22.82 4.13
N MET B 427 -10.97 23.83 3.48
CA MET B 427 -10.22 24.95 2.89
C MET B 427 -9.36 25.72 3.91
N GLU B 428 -9.83 25.81 5.15
CA GLU B 428 -9.07 26.46 6.23
C GLU B 428 -8.20 25.50 7.04
N GLY B 429 -8.07 24.25 6.59
CA GLY B 429 -7.27 23.26 7.30
C GLY B 429 -8.05 22.01 7.68
N LYS B 430 -7.33 20.90 7.86
CA LYS B 430 -7.94 19.65 8.26
C LYS B 430 -8.43 19.76 9.70
N PRO B 431 -9.74 19.54 9.93
CA PRO B 431 -10.25 19.54 11.31
C PRO B 431 -9.58 18.42 12.13
N VAL B 432 -9.37 18.67 13.41
CA VAL B 432 -8.92 17.63 14.34
C VAL B 432 -9.90 16.44 14.35
N GLY B 433 -9.38 15.23 14.13
CA GLY B 433 -10.26 14.05 14.04
C GLY B 433 -10.50 13.52 12.64
N LEU B 434 -10.21 14.32 11.62
CA LEU B 434 -10.37 13.86 10.23
C LEU B 434 -9.11 13.11 9.83
N PHE B 435 -9.31 11.97 9.16
CA PHE B 435 -8.21 11.14 8.66
C PHE B 435 -7.26 11.92 7.76
N VAL B 436 -6.06 11.38 7.57
CA VAL B 436 -5.02 12.00 6.75
C VAL B 436 -5.20 11.64 5.26
N HIS B 437 -5.46 10.36 4.99
CA HIS B 437 -5.56 9.85 3.62
C HIS B 437 -5.98 8.38 3.68
N TYR B 438 -6.28 7.80 2.53
CA TYR B 438 -6.38 6.33 2.46
C TYR B 438 -4.97 5.83 2.24
N GLY B 439 -4.50 4.98 3.15
CA GLY B 439 -3.09 4.59 3.20
C GLY B 439 -2.68 3.84 1.96
N LYS B 440 -1.55 4.27 1.38
CA LYS B 440 -1.01 3.70 0.14
C LYS B 440 -1.98 3.82 -1.02
N ASP B 441 -2.91 4.77 -0.92
CA ASP B 441 -3.91 4.93 -1.97
C ASP B 441 -4.17 6.41 -2.24
N PRO B 442 -3.18 7.10 -2.82
CA PRO B 442 -3.36 8.51 -3.16
C PRO B 442 -4.47 8.74 -4.19
N GLU B 443 -4.72 7.77 -5.06
CA GLU B 443 -5.76 7.91 -6.08
C GLU B 443 -7.15 7.99 -5.46
N ARG B 444 -7.48 7.04 -4.59
CA ARG B 444 -8.78 7.09 -3.91
C ARG B 444 -8.87 8.33 -3.01
N THR B 445 -7.78 8.68 -2.34
CA THR B 445 -7.74 9.89 -1.52
C THR B 445 -8.11 11.15 -2.33
N GLU B 446 -7.47 11.32 -3.50
CA GLU B 446 -7.76 12.45 -4.40
C GLU B 446 -9.20 12.43 -4.92
N GLU B 447 -9.69 11.23 -5.24
CA GLU B 447 -11.05 11.08 -5.73
C GLU B 447 -12.08 11.52 -4.70
N THR B 448 -11.77 11.31 -3.43
CA THR B 448 -12.73 11.57 -2.36
C THR B 448 -12.54 12.92 -1.68
N TRP B 449 -11.36 13.52 -1.87
CA TRP B 449 -10.98 14.73 -1.14
C TRP B 449 -10.22 15.68 -2.08
N HIS B 450 -10.93 16.69 -2.57
CA HIS B 450 -10.37 17.56 -3.61
C HIS B 450 -11.15 18.87 -3.66
N ASP B 451 -10.51 19.90 -4.19
CA ASP B 451 -11.15 21.21 -4.35
C ASP B 451 -11.76 21.72 -3.05
N GLY B 452 -11.12 21.43 -1.93
CA GLY B 452 -11.49 22.01 -0.65
C GLY B 452 -12.55 21.28 0.14
N TYR B 453 -12.98 20.12 -0.35
CA TYR B 453 -14.01 19.32 0.32
C TYR B 453 -13.63 17.84 0.42
N TYR B 454 -13.80 17.28 1.61
CA TYR B 454 -13.78 15.83 1.78
C TYR B 454 -15.21 15.28 1.67
N HIS B 455 -15.37 14.26 0.83
CA HIS B 455 -16.68 13.67 0.52
C HIS B 455 -16.93 12.41 1.35
N THR B 456 -17.91 12.47 2.25
CA THR B 456 -18.25 11.34 3.12
C THR B 456 -18.94 10.18 2.41
N GLY B 457 -19.63 10.48 1.30
CA GLY B 457 -20.41 9.49 0.57
C GLY B 457 -21.77 9.25 1.21
N ASP B 458 -22.05 9.99 2.28
CA ASP B 458 -23.36 9.90 2.95
C ASP B 458 -24.30 11.01 2.48
N MET B 459 -25.56 10.66 2.27
CA MET B 459 -26.58 11.62 1.82
C MET B 459 -27.52 12.02 2.96
N ALA B 460 -27.90 13.30 2.96
CA ALA B 460 -28.79 13.86 3.99
C ALA B 460 -29.52 15.09 3.45
N TRP B 461 -30.58 15.50 4.16
CA TRP B 461 -31.20 16.81 3.93
C TRP B 461 -31.33 17.50 5.27
N MET B 462 -31.41 18.82 5.23
CA MET B 462 -31.53 19.61 6.45
C MET B 462 -32.92 20.22 6.51
N ASP B 463 -33.58 20.12 7.68
CA ASP B 463 -34.90 20.73 7.85
C ASP B 463 -34.78 22.20 8.22
N GLU B 464 -35.94 22.86 8.38
CA GLU B 464 -36.00 24.29 8.67
C GLU B 464 -35.42 24.68 10.02
N ASP B 465 -35.33 23.72 10.94
CA ASP B 465 -34.73 23.96 12.25
C ASP B 465 -33.21 23.72 12.24
N GLY B 466 -32.68 23.29 11.09
CA GLY B 466 -31.26 22.96 10.97
C GLY B 466 -30.87 21.52 11.31
N TYR B 467 -31.85 20.68 11.62
CA TYR B 467 -31.58 19.28 11.92
C TYR B 467 -31.35 18.48 10.66
N LEU B 468 -30.38 17.58 10.71
CA LEU B 468 -30.04 16.75 9.56
C LEU B 468 -30.68 15.37 9.63
N TRP B 469 -31.07 14.88 8.47
CA TRP B 469 -31.75 13.60 8.34
C TRP B 469 -31.03 12.76 7.29
N PHE B 470 -30.40 11.68 7.74
CA PHE B 470 -29.66 10.76 6.87
C PHE B 470 -30.63 10.00 5.96
N VAL B 471 -30.29 9.91 4.67
CA VAL B 471 -31.18 9.23 3.73
C VAL B 471 -30.55 8.01 3.02
N GLY B 472 -29.24 7.85 3.16
CA GLY B 472 -28.55 6.73 2.52
C GLY B 472 -27.20 7.09 1.92
N ARG B 473 -26.64 6.17 1.14
CA ARG B 473 -25.32 6.35 0.56
C ARG B 473 -25.39 7.04 -0.80
N ALA B 474 -24.36 7.80 -1.14
CA ALA B 474 -24.24 8.38 -2.49
C ALA B 474 -23.80 7.34 -3.51
N ASP B 475 -23.28 6.22 -3.00
CA ASP B 475 -22.69 5.17 -3.84
C ASP B 475 -23.35 3.81 -3.59
N ASP B 476 -22.62 2.72 -3.88
CA ASP B 476 -23.17 1.36 -3.78
C ASP B 476 -22.85 0.66 -2.45
N ILE B 477 -22.23 1.39 -1.53
CA ILE B 477 -21.97 0.84 -0.20
C ILE B 477 -23.30 0.50 0.51
N ILE B 478 -23.30 -0.63 1.19
CA ILE B 478 -24.48 -1.11 1.92
C ILE B 478 -24.21 -0.96 3.42
N LYS B 479 -25.18 -0.41 4.15
CA LYS B 479 -25.13 -0.36 5.59
C LYS B 479 -26.20 -1.28 6.16
N THR B 480 -25.79 -2.39 6.74
CA THR B 480 -26.74 -3.35 7.26
C THR B 480 -26.55 -3.59 8.75
N SER B 481 -27.53 -3.10 9.51
CA SER B 481 -27.52 -3.03 10.99
C SER B 481 -26.16 -2.70 11.62
N GLY B 482 -25.62 -1.56 11.20
CA GLY B 482 -24.37 -1.05 11.74
C GLY B 482 -23.17 -1.31 10.84
N TYR B 483 -23.22 -2.38 10.05
CA TYR B 483 -22.07 -2.83 9.25
C TYR B 483 -22.03 -2.20 7.86
N LYS B 484 -20.91 -1.57 7.56
CA LYS B 484 -20.65 -0.98 6.26
C LYS B 484 -20.04 -2.09 5.38
N VAL B 485 -20.65 -2.34 4.22
CA VAL B 485 -20.25 -3.45 3.36
C VAL B 485 -20.05 -2.96 1.93
N GLY B 486 -18.86 -3.20 1.38
CA GLY B 486 -18.59 -2.93 -0.03
C GLY B 486 -19.15 -4.09 -0.86
N PRO B 487 -19.96 -3.77 -1.90
CA PRO B 487 -20.60 -4.84 -2.67
C PRO B 487 -19.58 -5.84 -3.25
N PHE B 488 -18.41 -5.37 -3.66
CA PHE B 488 -17.41 -6.27 -4.26
C PHE B 488 -16.83 -7.30 -3.29
N GLU B 489 -16.75 -6.97 -2.02
CA GLU B 489 -16.39 -7.97 -0.99
C GLU B 489 -17.29 -9.22 -1.08
N VAL B 490 -18.58 -9.02 -1.30
CA VAL B 490 -19.51 -10.14 -1.34
C VAL B 490 -19.54 -10.73 -2.75
N GLU B 491 -19.51 -9.88 -3.78
CA GLU B 491 -19.48 -10.33 -5.17
C GLU B 491 -18.27 -11.24 -5.44
N SER B 492 -17.08 -10.80 -5.03
CA SER B 492 -15.85 -11.59 -5.21
C SER B 492 -15.90 -12.96 -4.52
N ALA B 493 -16.56 -13.03 -3.35
CA ALA B 493 -16.77 -14.31 -2.65
C ALA B 493 -17.74 -15.22 -3.42
N LEU B 494 -18.88 -14.65 -3.81
CA LEU B 494 -19.90 -15.40 -4.57
C LEU B 494 -19.41 -15.99 -5.90
N ILE B 495 -18.64 -15.23 -6.66
CA ILE B 495 -18.20 -15.70 -7.99
C ILE B 495 -17.24 -16.90 -7.92
N GLN B 496 -16.69 -17.15 -6.74
CA GLN B 496 -15.82 -18.32 -6.52
C GLN B 496 -16.61 -19.64 -6.42
N HIS B 497 -17.94 -19.54 -6.24
CA HIS B 497 -18.79 -20.73 -6.17
C HIS B 497 -19.23 -21.15 -7.58
N PRO B 498 -19.14 -22.47 -7.89
CA PRO B 498 -19.48 -23.04 -9.21
C PRO B 498 -20.84 -22.61 -9.77
N ALA B 499 -21.83 -22.44 -8.88
CA ALA B 499 -23.19 -22.12 -9.29
C ALA B 499 -23.39 -20.70 -9.82
N VAL B 500 -22.40 -19.83 -9.58
CA VAL B 500 -22.51 -18.41 -9.91
C VAL B 500 -21.75 -18.05 -11.19
N LEU B 501 -22.48 -17.59 -12.20
CA LEU B 501 -21.87 -17.12 -13.44
C LEU B 501 -21.61 -15.63 -13.35
N GLU B 502 -22.62 -14.90 -12.89
CA GLU B 502 -22.55 -13.46 -12.64
C GLU B 502 -23.40 -13.13 -11.44
N CYS B 503 -23.09 -12.01 -10.77
CA CYS B 503 -23.87 -11.56 -9.64
C CYS B 503 -23.75 -10.06 -9.38
N ALA B 504 -24.77 -9.51 -8.72
CA ALA B 504 -24.79 -8.11 -8.32
C ALA B 504 -25.22 -8.07 -6.87
N ILE B 505 -24.48 -7.32 -6.07
CA ILE B 505 -24.82 -7.18 -4.66
C ILE B 505 -25.36 -5.77 -4.42
N THR B 506 -26.58 -5.69 -3.92
CA THR B 506 -27.22 -4.41 -3.62
C THR B 506 -27.86 -4.45 -2.24
N GLY B 507 -28.20 -3.27 -1.72
CA GLY B 507 -28.94 -3.16 -0.47
C GLY B 507 -30.41 -2.94 -0.75
N VAL B 508 -31.27 -3.60 0.01
CA VAL B 508 -32.70 -3.38 -0.09
C VAL B 508 -33.18 -2.75 1.22
N PRO B 509 -34.03 -1.70 1.14
CA PRO B 509 -34.45 -1.01 2.35
C PRO B 509 -35.05 -1.96 3.38
N ASP B 510 -34.80 -1.68 4.66
CA ASP B 510 -35.27 -2.49 5.76
C ASP B 510 -35.50 -1.59 6.98
N PRO B 511 -36.70 -1.67 7.59
CA PRO B 511 -37.06 -0.78 8.69
C PRO B 511 -36.12 -0.90 9.90
N VAL B 512 -35.72 -2.13 10.22
CA VAL B 512 -34.87 -2.39 11.38
C VAL B 512 -33.39 -2.20 11.05
N ARG B 513 -32.92 -2.93 10.05
CA ARG B 513 -31.50 -3.03 9.76
C ARG B 513 -30.97 -1.92 8.84
N GLY B 514 -31.85 -0.99 8.44
CA GLY B 514 -31.52 0.04 7.46
C GLY B 514 -31.59 -0.52 6.06
N GLN B 515 -30.66 -1.41 5.74
CA GLN B 515 -30.66 -2.17 4.50
C GLN B 515 -30.33 -3.60 4.81
N VAL B 516 -30.71 -4.51 3.92
CA VAL B 516 -30.16 -5.85 3.95
C VAL B 516 -29.46 -6.15 2.63
N ILE B 517 -28.47 -7.04 2.68
CA ILE B 517 -27.70 -7.38 1.50
C ILE B 517 -28.46 -8.35 0.60
N LYS B 518 -28.67 -7.95 -0.65
CA LYS B 518 -29.30 -8.81 -1.65
C LYS B 518 -28.32 -9.19 -2.74
N ALA B 519 -28.24 -10.49 -3.01
CA ALA B 519 -27.50 -10.99 -4.18
C ALA B 519 -28.46 -11.31 -5.32
N THR B 520 -28.26 -10.65 -6.46
CA THR B 520 -28.99 -10.99 -7.68
C THR B 520 -28.03 -11.84 -8.54
N ILE B 521 -28.38 -13.12 -8.71
CA ILE B 521 -27.46 -14.11 -9.27
C ILE B 521 -27.95 -14.75 -10.57
N VAL B 522 -27.07 -14.77 -11.57
CA VAL B 522 -27.27 -15.58 -12.75
C VAL B 522 -26.55 -16.91 -12.51
N LEU B 523 -27.33 -17.99 -12.47
CA LEU B 523 -26.80 -19.34 -12.23
C LEU B 523 -26.11 -19.90 -13.47
N THR B 524 -25.19 -20.82 -13.25
CA THR B 524 -24.60 -21.58 -14.34
C THR B 524 -25.57 -22.68 -14.77
N LYS B 525 -25.39 -23.19 -16.00
CA LYS B 525 -26.31 -24.16 -16.61
C LYS B 525 -26.61 -25.41 -15.78
N ASP B 526 -25.65 -25.81 -14.94
CA ASP B 526 -25.73 -27.06 -14.17
C ASP B 526 -26.69 -27.01 -12.97
N TYR B 527 -27.08 -25.78 -12.57
CA TYR B 527 -27.85 -25.57 -11.35
C TYR B 527 -29.27 -25.07 -11.62
N THR B 528 -30.18 -25.34 -10.68
CA THR B 528 -31.54 -24.77 -10.72
C THR B 528 -31.85 -24.01 -9.42
N PRO B 529 -32.68 -22.95 -9.50
CA PRO B 529 -33.01 -22.16 -8.31
C PRO B 529 -33.80 -22.96 -7.29
N SER B 530 -33.43 -22.81 -6.01
CA SER B 530 -34.12 -23.43 -4.88
C SER B 530 -33.67 -22.78 -3.58
N ASP B 531 -34.47 -22.91 -2.53
CA ASP B 531 -34.12 -22.42 -1.20
C ASP B 531 -32.88 -23.10 -0.62
N SER B 532 -32.69 -24.37 -0.97
CA SER B 532 -31.52 -25.15 -0.58
C SER B 532 -30.22 -24.54 -1.11
N LEU B 533 -30.24 -24.15 -2.39
CA LEU B 533 -29.07 -23.55 -3.03
C LEU B 533 -28.75 -22.17 -2.45
N LYS B 534 -29.80 -21.42 -2.11
CA LYS B 534 -29.66 -20.13 -1.44
C LYS B 534 -28.90 -20.29 -0.13
N ASN B 535 -29.33 -21.27 0.66
CA ASN B 535 -28.67 -21.66 1.91
C ASN B 535 -27.20 -21.97 1.69
N GLU B 536 -26.90 -22.71 0.62
CA GLU B 536 -25.52 -23.10 0.30
C GLU B 536 -24.65 -21.90 -0.07
N LEU B 537 -25.21 -20.97 -0.84
CA LEU B 537 -24.47 -19.77 -1.28
C LEU B 537 -24.23 -18.80 -0.13
N GLN B 538 -25.23 -18.66 0.75
CA GLN B 538 -25.07 -17.93 2.00
C GLN B 538 -23.95 -18.55 2.84
N ASP B 539 -23.99 -19.87 3.03
CA ASP B 539 -22.97 -20.62 3.77
C ASP B 539 -21.57 -20.46 3.15
N HIS B 540 -21.50 -20.51 1.83
CA HIS B 540 -20.25 -20.25 1.10
C HIS B 540 -19.65 -18.87 1.40
N VAL B 541 -20.48 -17.83 1.39
CA VAL B 541 -20.01 -16.46 1.70
C VAL B 541 -19.45 -16.39 3.12
N LYS B 542 -20.16 -17.01 4.07
CA LYS B 542 -19.77 -16.97 5.47
C LYS B 542 -18.45 -17.69 5.75
N ASN B 543 -18.11 -18.65 4.89
CA ASN B 543 -16.81 -19.34 5.00
C ASN B 543 -15.65 -18.64 4.27
N VAL B 544 -15.96 -17.77 3.31
CA VAL B 544 -14.95 -17.08 2.51
C VAL B 544 -14.51 -15.74 3.12
N THR B 545 -15.47 -14.99 3.64
CA THR B 545 -15.22 -13.65 4.18
C THR B 545 -16.04 -13.47 5.47
N ALA B 546 -15.75 -12.43 6.25
CA ALA B 546 -16.44 -12.18 7.51
C ALA B 546 -17.97 -12.35 7.37
N PRO B 547 -18.57 -13.25 8.18
CA PRO B 547 -19.96 -13.70 7.95
C PRO B 547 -21.08 -12.65 8.05
N TYR B 548 -20.83 -11.47 8.60
CA TYR B 548 -21.85 -10.41 8.63
C TYR B 548 -22.23 -9.93 7.22
N LYS B 549 -21.39 -10.23 6.24
CA LYS B 549 -21.59 -9.81 4.84
C LYS B 549 -22.50 -10.74 4.03
N TYR B 550 -22.99 -11.82 4.63
CA TYR B 550 -23.77 -12.80 3.89
C TYR B 550 -25.05 -12.17 3.29
N PRO B 551 -25.40 -12.55 2.04
CA PRO B 551 -26.62 -12.05 1.40
C PRO B 551 -27.89 -12.63 2.04
N ARG B 552 -28.66 -11.77 2.69
CA ARG B 552 -29.89 -12.21 3.35
C ARG B 552 -30.99 -12.52 2.36
N ILE B 553 -30.98 -11.81 1.24
CA ILE B 553 -31.92 -12.07 0.14
C ILE B 553 -31.12 -12.51 -1.09
N ILE B 554 -31.56 -13.60 -1.71
CA ILE B 554 -31.00 -14.01 -3.00
C ILE B 554 -32.17 -14.13 -3.98
N GLU B 555 -31.98 -13.56 -5.16
CA GLU B 555 -32.91 -13.73 -6.26
C GLU B 555 -32.14 -14.24 -7.49
N PHE B 556 -32.61 -15.37 -8.04
CA PHE B 556 -32.01 -15.93 -9.26
C PHE B 556 -32.70 -15.37 -10.51
N VAL B 557 -31.89 -14.92 -11.47
CA VAL B 557 -32.38 -14.20 -12.67
C VAL B 557 -31.71 -14.70 -13.95
N PRO B 558 -32.37 -14.52 -15.12
CA PRO B 558 -31.73 -14.92 -16.37
C PRO B 558 -30.66 -13.92 -16.86
N GLU B 559 -30.72 -12.66 -16.40
CA GLU B 559 -29.79 -11.62 -16.83
C GLU B 559 -29.73 -10.41 -15.89
N LEU B 560 -28.59 -9.73 -15.91
CA LEU B 560 -28.35 -8.51 -15.12
C LEU B 560 -28.36 -7.26 -16.02
N PRO B 561 -28.69 -6.08 -15.45
CA PRO B 561 -28.56 -4.83 -16.22
C PRO B 561 -27.11 -4.31 -16.27
N LYS B 562 -26.69 -3.84 -17.44
CA LYS B 562 -25.36 -3.26 -17.63
C LYS B 562 -25.41 -2.11 -18.62
C FOR C . 20.52 -5.61 -22.17
O FOR C . 21.28 -6.05 -21.35
C1 PGE D . 36.32 13.58 -22.29
O1 PGE D . 37.48 12.80 -21.95
C2 PGE D . 35.17 12.71 -22.78
O2 PGE D . 35.01 12.84 -24.21
C3 PGE D . 34.68 11.61 -24.86
C4 PGE D . 35.77 11.18 -25.83
O4 PGE D . 38.26 7.91 -24.10
C6 PGE D . 38.01 9.26 -24.53
C5 PGE D . 37.32 9.30 -25.88
O3 PGE D . 35.96 9.75 -25.77
OH2 1PE E . 10.96 -5.13 -23.39
C12 1PE E . 11.48 -6.46 -23.40
C22 1PE E . 12.92 -6.55 -22.89
OH3 1PE E . 13.26 -5.47 -22.03
C13 1PE E . 13.88 -4.72 -19.83
C23 1PE E . 13.82 -5.90 -20.79
OH4 1PE E . 13.05 -4.95 -18.70
C14 1PE E . 11.04 -3.71 -19.28
C24 1PE E . 12.24 -3.83 -18.33
OH5 1PE E . 10.00 -2.87 -18.78
C15 1PE E . 10.40 -0.60 -19.66
C25 1PE E . 10.40 -1.54 -18.46
OH6 1PE E . 10.89 0.67 -19.25
C16 1PE E . 9.16 2.18 -18.43
C26 1PE E . 10.01 1.73 -19.61
OH7 1PE E . 8.74 3.54 -18.60
OH2 1PE F . 11.89 13.70 -23.97
C12 1PE F . 11.73 15.12 -24.00
C22 1PE F . 10.56 15.47 -24.93
OH3 1PE F . 11.05 16.04 -26.16
C13 1PE F . 9.72 17.55 -27.52
C23 1PE F . 10.65 17.40 -26.32
OH4 1PE F . 8.72 18.53 -27.20
C14 1PE F . 6.56 19.47 -27.73
C24 1PE F . 7.83 18.82 -28.28
OH5 1PE F . 6.59 20.88 -27.96
C15 1PE F . 7.27 22.80 -26.66
C25 1PE F . 6.27 21.65 -26.80
OH6 1PE F . 8.15 22.57 -25.55
C16 1PE F . 10.38 22.73 -24.60
C26 1PE F . 9.49 23.01 -25.80
OH7 1PE F . 11.04 21.47 -24.75
N1 EPE G . 22.36 6.50 -19.73
C2 EPE G . 21.13 6.37 -20.55
C3 EPE G . 20.18 7.55 -20.35
N4 EPE G . 20.86 8.84 -20.44
C5 EPE G . 22.16 9.00 -19.80
C6 EPE G . 23.07 7.78 -19.98
C7 EPE G . 20.03 10.02 -20.62
C8 EPE G . 20.53 10.91 -21.75
O8 EPE G . 20.58 10.17 -22.95
C9 EPE G . 23.25 5.38 -20.08
C10 EPE G . 24.28 5.08 -18.99
S EPE G . 25.42 3.76 -19.51
O1S EPE G . 26.46 3.48 -18.51
O2S EPE G . 24.62 2.54 -19.67
O3S EPE G . 26.01 4.17 -20.79
N1 EPE H . -0.34 -15.70 -5.63
C2 EPE H . 0.93 -15.10 -6.06
C3 EPE H . 1.19 -13.76 -5.35
N4 EPE H . 0.98 -13.83 -3.91
C5 EPE H . -0.19 -14.55 -3.42
C6 EPE H . -0.40 -15.88 -4.16
C7 EPE H . 1.50 -12.71 -3.15
C8 EPE H . 2.08 -13.09 -1.79
O8 EPE H . 0.99 -13.09 -0.87
C9 EPE H . -0.42 -17.04 -6.23
C10 EPE H . -1.39 -17.02 -7.39
S EPE H . -1.75 -18.66 -8.08
O1S EPE H . -3.01 -19.09 -7.49
O2S EPE H . -1.88 -18.50 -9.52
O3S EPE H . -0.71 -19.63 -7.81
MG MG I . 12.07 0.63 11.30
N NO3 J . 3.46 8.90 -13.03
O1 NO3 J . 3.18 8.93 -11.67
O2 NO3 J . 2.56 9.46 -13.94
O3 NO3 J . 4.63 8.30 -13.51
C1 GOL K . 15.63 -21.43 -13.04
O1 GOL K . 15.51 -22.52 -12.13
C2 GOL K . 14.37 -20.54 -13.12
O2 GOL K . 14.61 -19.16 -12.91
C3 GOL K . 13.23 -21.03 -12.23
O3 GOL K . 13.54 -20.80 -10.88
C1 GOL L . 9.85 -7.53 -29.25
O1 GOL L . 9.46 -7.48 -30.61
C2 GOL L . 10.04 -6.15 -28.65
O2 GOL L . 10.39 -6.28 -27.28
C3 GOL L . 8.74 -5.36 -28.75
O3 GOL L . 8.82 -4.19 -27.95
C1 GOL M . 0.35 -3.27 -13.26
O1 GOL M . -0.70 -3.96 -13.91
C2 GOL M . 1.51 -3.02 -14.22
O2 GOL M . 1.30 -3.65 -15.48
C3 GOL M . 2.86 -3.31 -13.57
O3 GOL M . 3.88 -3.60 -14.52
C1 GOL N . 11.45 -1.31 -14.58
O1 GOL N . 11.63 -2.27 -15.58
C2 GOL N . 11.09 -0.03 -15.27
O2 GOL N . 12.18 0.28 -16.10
C3 GOL N . 10.89 1.05 -14.22
O3 GOL N . 9.71 1.76 -14.51
C FOR O . -21.32 5.51 20.99
O FOR O . -20.38 5.63 21.75
C1 PGE P . -23.13 -9.24 37.91
O1 PGE P . -21.98 -10.07 38.15
C2 PGE P . -24.31 -10.10 37.45
O2 PGE P . -23.96 -10.80 36.25
C3 PGE P . -25.06 -11.52 35.71
C4 PGE P . -24.73 -12.04 34.31
O4 PGE P . -21.31 -14.28 34.45
C6 PGE P . -22.16 -14.48 33.32
C5 PGE P . -23.57 -13.98 33.61
O3 PGE P . -23.50 -12.77 34.37
C1 PGE Q . -18.84 3.63 10.97
O1 PGE Q . -18.21 3.36 9.69
C2 PGE Q . -17.83 3.69 12.12
O2 PGE Q . -17.89 4.93 12.86
C3 PGE Q . -18.88 4.94 13.91
C4 PGE Q . -19.73 6.19 13.74
O4 PGE Q . -23.48 6.25 11.34
C6 PGE Q . -22.37 5.74 12.08
C5 PGE Q . -22.01 6.66 13.25
O3 PGE Q . -21.09 5.99 14.13
N1 EPE R . -18.61 -6.71 21.96
C2 EPE R . -19.56 -6.56 20.84
C3 EPE R . -19.57 -7.77 19.90
N4 EPE R . -19.50 -9.07 20.57
C5 EPE R . -18.77 -9.20 21.82
C6 EPE R . -18.86 -7.97 22.71
C7 EPE R . -19.59 -10.25 19.73
C8 EPE R . -20.72 -11.19 20.15
O8 EPE R . -21.96 -10.61 19.81
C9 EPE R . -18.85 -5.56 22.86
C10 EPE R . -17.93 -5.56 24.08
S EPE R . -18.48 -4.32 25.29
O1S EPE R . -17.44 -4.08 26.31
O2S EPE R . -18.69 -3.07 24.57
O3S EPE R . -19.73 -4.80 25.90
MG MG S . 7.71 0.33 7.13
N NO3 T . -12.60 -8.07 2.94
O1 NO3 T . -12.99 -7.31 4.05
O2 NO3 T . -13.57 -8.64 2.11
O3 NO3 T . -11.24 -8.24 2.67
C1 GOL U . -13.19 4.41 0.53
O1 GOL U . -13.71 5.03 -0.62
C2 GOL U . -14.09 4.72 1.73
O2 GOL U . -15.44 4.42 1.43
C3 GOL U . -13.61 3.89 2.93
O3 GOL U . -14.25 4.39 4.09
C1 GOL V . -28.44 5.66 9.63
O1 GOL V . -27.57 4.58 9.36
C2 GOL V . -28.07 6.39 10.92
O2 GOL V . -26.68 6.32 11.15
C3 GOL V . -28.49 7.85 10.79
O3 GOL V . -29.89 8.05 10.95
C1 GOL W . -22.90 5.59 7.85
O1 GOL W . -23.45 5.76 6.56
C2 GOL W . -21.50 6.23 7.92
O2 GOL W . -20.87 5.86 9.12
C3 GOL W . -20.64 5.74 6.77
O3 GOL W . -20.17 6.86 6.08
#